data_6XJQ
#
_entry.id   6XJQ
#
_cell.length_a   83.962
_cell.length_b   99.832
_cell.length_c   90.636
_cell.angle_alpha   90.000
_cell.angle_beta   97.200
_cell.angle_gamma   90.000
#
_symmetry.space_group_name_H-M   'P 1 21 1'
#
loop_
_entity.id
_entity.type
_entity.pdbx_description
1 polymer 'Self-alkylating ribozyme (58-MER)'
2 polymer 'Fab HAVx Heavy Chain'
3 polymer 'Fab HAVx Light Chain'
4 non-polymer '2-{[(4R)-4-hydroxyhexyl]oxy}ethyl 5-[(3aS,4S,6aR)-2-oxohexahydro-1H-thieno[3,4-d]imidazol-4-yl]pentanoate'
5 water water
#
loop_
_entity_poly.entity_id
_entity_poly.type
_entity_poly.pdbx_seq_one_letter_code
_entity_poly.pdbx_strand_id
1 'polyribonucleotide' GGCCGCUCCAGAAGAGGGCCCCCUUGCCCGUUAUCGGGGGCUAGGCUCGAUGUCGGCC A,B
2 'polypeptide(L)'
;MKKNIAFLLASMFVFSIATNAYAEISEVQLVESGGGLVQPGGSLRLSCAASGFSLSSSSMHWVRQAPGKGLEWVASISPY
SGSTSYADSVKGRFTISADTSKNTAYLQMNSLRAEDTAVYYCARTKYHYKNYYWWALDYWGQGTLVTVSSASTKGPSVFP
LAPSSKSTSGGTAALGCLVKDYFPEPVTVSWNSGALTSGVHTFPAVLQSSGLYSLSSVVTVPSSSLGTQTYICNVNHKPS
NTKVDKKVEPKSCDKTHT
;
C,H
3 'polypeptide(L)'
;MKKNIAFLLASMFVFSIATNAYASDIQMTQSPSSLSASVGDRVTITCRASQSVYYSVAWYQQKPGKAPKLLIYSASYLYS
GVPSRFSGSRSGTDFTLTISSLQPEDFATYYCQQYRRRPITFGQGTKVEIKRTVAAPSVFIFPPSDEQLKSGTASVVCLL
NNFYPREAKVQWKVDNALQSGNSQESVTEQDSKDSTYSLSSTLTLSKADYEKHKVYACEVTHQGLSSPVTKSFNRGEC
;
D,L
#
loop_
_chem_comp.id
_chem_comp.type
_chem_comp.name
_chem_comp.formula
A RNA linking ADENOSINE-5'-MONOPHOSPHATE 'C10 H14 N5 O7 P'
C RNA linking CYTIDINE-5'-MONOPHOSPHATE 'C9 H14 N3 O8 P'
G RNA linking GUANOSINE-5'-MONOPHOSPHATE 'C10 H14 N5 O8 P'
U RNA linking URIDINE-5'-MONOPHOSPHATE 'C9 H13 N2 O9 P'
V4J non-polymer '2-{[(4R)-4-hydroxyhexyl]oxy}ethyl 5-[(3aS,4S,6aR)-2-oxohexahydro-1H-thieno[3,4-d]imidazol-4-yl]pentanoate' 'C18 H32 N2 O5 S'
#
# COMPACT_ATOMS: atom_id res chain seq x y z
N SER C 26 -25.81 5.73 -16.65
CA SER C 26 -27.17 5.66 -16.11
C SER C 26 -27.74 7.05 -15.89
N GLU C 27 -27.31 7.70 -14.81
CA GLU C 27 -27.75 9.07 -14.55
C GLU C 27 -26.97 10.05 -15.41
N VAL C 28 -25.69 9.79 -15.63
CA VAL C 28 -24.87 10.62 -16.51
C VAL C 28 -25.06 10.19 -17.95
N GLN C 29 -25.26 11.16 -18.86
CA GLN C 29 -25.34 10.87 -20.28
C GLN C 29 -24.55 11.90 -21.05
N LEU C 30 -23.86 11.44 -22.08
CA LEU C 30 -23.17 12.32 -23.02
C LEU C 30 -23.69 11.89 -24.38
N VAL C 31 -24.43 12.76 -25.05
CA VAL C 31 -25.07 12.41 -26.32
C VAL C 31 -24.39 13.22 -27.41
N GLU C 32 -23.59 12.54 -28.26
CA GLU C 32 -22.87 13.20 -29.34
C GLU C 32 -23.71 13.29 -30.62
N SER C 33 -23.53 14.38 -31.35
CA SER C 33 -24.15 14.52 -32.67
C SER C 33 -23.28 15.42 -33.53
N GLY C 34 -23.61 15.47 -34.82
CA GLY C 34 -22.95 16.34 -35.76
C GLY C 34 -22.03 15.64 -36.71
N GLY C 35 -21.78 14.36 -36.51
CA GLY C 35 -20.87 13.65 -37.38
C GLY C 35 -21.44 13.50 -38.77
N GLY C 36 -20.57 13.19 -39.72
CA GLY C 36 -21.04 12.99 -41.07
C GLY C 36 -19.86 12.96 -42.02
N LEU C 37 -20.17 13.15 -43.30
CA LEU C 37 -19.20 13.06 -44.39
C LEU C 37 -18.85 14.48 -44.85
N VAL C 38 -17.56 14.77 -45.00
CA VAL C 38 -17.13 16.08 -45.51
C VAL C 38 -15.96 15.88 -46.45
N GLN C 39 -15.75 16.84 -47.28
CA GLN C 39 -14.63 16.82 -48.19
C GLN C 39 -13.37 17.39 -47.52
N PRO C 40 -12.18 16.96 -47.97
CA PRO C 40 -10.96 17.56 -47.44
C PRO C 40 -11.00 19.06 -47.58
N GLY C 41 -10.59 19.75 -46.53
CA GLY C 41 -10.68 21.19 -46.49
C GLY C 41 -11.96 21.69 -45.84
N GLY C 42 -12.95 20.82 -45.67
CA GLY C 42 -14.23 21.22 -45.14
C GLY C 42 -14.26 21.25 -43.63
N SER C 43 -15.45 21.57 -43.11
CA SER C 43 -15.67 21.79 -41.69
C SER C 43 -16.84 20.94 -41.20
N LEU C 44 -16.80 20.62 -39.91
CA LEU C 44 -17.90 19.96 -39.21
C LEU C 44 -17.89 20.46 -37.78
N ARG C 45 -19.06 20.58 -37.17
CA ARG C 45 -19.12 20.87 -35.74
C ARG C 45 -19.82 19.73 -35.02
N LEU C 46 -19.11 19.13 -34.07
CA LEU C 46 -19.68 18.07 -33.23
C LEU C 46 -20.27 18.67 -31.96
N SER C 47 -21.33 18.05 -31.46
CA SER C 47 -21.98 18.47 -30.24
C SER C 47 -21.96 17.33 -29.24
N CYS C 48 -21.81 17.66 -27.96
CA CYS C 48 -21.87 16.69 -26.87
C CYS C 48 -22.80 17.25 -25.80
N ALA C 49 -24.05 16.78 -25.77
CA ALA C 49 -25.06 17.26 -24.84
C ALA C 49 -24.98 16.42 -23.56
N ALA C 50 -24.70 17.07 -22.44
CA ALA C 50 -24.50 16.37 -21.18
C ALA C 50 -25.73 16.43 -20.30
N SER C 51 -26.05 15.32 -19.63
CA SER C 51 -27.03 15.37 -18.56
C SER C 51 -26.51 14.55 -17.39
N GLY C 52 -27.01 14.86 -16.21
CA GLY C 52 -26.56 14.20 -15.01
C GLY C 52 -25.47 14.91 -14.25
N PHE C 53 -24.90 15.97 -14.81
CA PHE C 53 -23.87 16.73 -14.12
C PHE C 53 -23.79 18.10 -14.77
N SER C 54 -23.16 19.05 -14.08
CA SER C 54 -22.96 20.38 -14.64
C SER C 54 -21.60 20.47 -15.34
N LEU C 55 -21.59 21.03 -16.56
CA LEU C 55 -20.33 21.21 -17.28
C LEU C 55 -19.31 22.01 -16.50
N SER C 56 -19.77 22.96 -15.65
CA SER C 56 -18.87 23.78 -14.86
C SER C 56 -18.24 23.03 -13.71
N SER C 57 -18.65 21.78 -13.51
CA SER C 57 -18.03 20.86 -12.56
C SER C 57 -17.34 19.73 -13.28
N SER C 58 -16.69 20.03 -14.41
CA SER C 58 -16.08 18.97 -15.20
C SER C 58 -15.03 19.51 -16.14
N SER C 59 -14.20 18.61 -16.62
CA SER C 59 -13.39 18.78 -17.79
C SER C 59 -14.03 17.93 -18.88
N MET C 60 -14.26 18.52 -20.05
CA MET C 60 -14.88 17.82 -21.16
C MET C 60 -13.82 17.55 -22.22
N HIS C 61 -13.91 16.39 -22.86
CA HIS C 61 -12.86 15.95 -23.77
C HIS C 61 -13.45 15.38 -25.05
N TRP C 62 -12.66 15.47 -26.13
CA TRP C 62 -12.90 14.72 -27.35
C TRP C 62 -11.72 13.78 -27.57
N VAL C 63 -12.02 12.52 -27.83
CA VAL C 63 -11.05 11.46 -28.09
C VAL C 63 -11.51 10.73 -29.34
N ARG C 64 -10.60 10.44 -30.27
CA ARG C 64 -11.07 9.83 -31.51
C ARG C 64 -10.41 8.47 -31.73
N GLN C 65 -11.05 7.67 -32.56
CA GLN C 65 -10.59 6.30 -32.84
C GLN C 65 -10.75 6.05 -34.33
N ALA C 66 -9.63 6.07 -35.05
CA ALA C 66 -9.66 5.81 -36.48
C ALA C 66 -10.01 4.34 -36.71
N PRO C 67 -10.60 4.01 -37.86
CA PRO C 67 -11.09 2.64 -38.08
C PRO C 67 -10.02 1.61 -37.81
N GLY C 68 -10.36 0.63 -36.95
CA GLY C 68 -9.44 -0.42 -36.57
C GLY C 68 -8.22 0.02 -35.78
N LYS C 69 -8.21 1.22 -35.23
CA LYS C 69 -7.05 1.73 -34.50
C LYS C 69 -7.43 2.04 -33.05
N GLY C 70 -6.48 2.64 -32.32
CA GLY C 70 -6.64 2.90 -30.90
C GLY C 70 -7.28 4.26 -30.64
N LEU C 71 -7.15 4.71 -29.40
CA LEU C 71 -7.74 5.97 -28.94
C LEU C 71 -6.71 7.08 -29.01
N GLU C 72 -7.12 8.24 -29.52
CA GLU C 72 -6.23 9.39 -29.64
C GLU C 72 -6.93 10.61 -29.05
N TRP C 73 -6.35 11.22 -28.02
CA TRP C 73 -6.93 12.46 -27.47
C TRP C 73 -6.85 13.60 -28.48
N VAL C 74 -7.93 14.37 -28.57
CA VAL C 74 -8.07 15.48 -29.51
C VAL C 74 -8.04 16.82 -28.81
N ALA C 75 -8.88 17.00 -27.77
CA ALA C 75 -9.03 18.31 -27.16
C ALA C 75 -9.71 18.19 -25.81
N SER C 76 -9.42 19.13 -24.91
CA SER C 76 -10.04 19.22 -23.60
C SER C 76 -10.43 20.66 -23.30
N ILE C 77 -11.46 20.82 -22.48
CA ILE C 77 -11.91 22.14 -22.03
C ILE C 77 -12.40 22.04 -20.59
N SER C 78 -12.12 23.09 -19.81
CA SER C 78 -12.72 23.26 -18.51
C SER C 78 -13.74 24.39 -18.64
N PRO C 79 -15.03 24.09 -18.72
CA PRO C 79 -16.01 25.19 -18.89
C PRO C 79 -15.98 26.20 -17.77
N TYR C 80 -15.54 25.81 -16.57
CA TYR C 80 -15.51 26.77 -15.47
C TYR C 80 -14.55 27.91 -15.74
N SER C 81 -13.35 27.60 -16.24
CA SER C 81 -12.33 28.61 -16.48
C SER C 81 -12.21 29.01 -17.94
N GLY C 82 -12.74 28.22 -18.87
CA GLY C 82 -12.51 28.42 -20.28
C GLY C 82 -11.19 27.86 -20.78
N SER C 83 -10.38 27.29 -19.92
CA SER C 83 -9.10 26.77 -20.35
C SER C 83 -9.29 25.62 -21.35
N THR C 84 -8.46 25.59 -22.39
CA THR C 84 -8.52 24.55 -23.42
C THR C 84 -7.12 24.02 -23.70
N SER C 85 -7.07 22.82 -24.28
CA SER C 85 -5.83 22.26 -24.82
C SER C 85 -6.16 21.35 -26.01
N TYR C 86 -5.16 21.13 -26.87
CA TYR C 86 -5.35 20.46 -28.15
C TYR C 86 -4.18 19.55 -28.44
N ALA C 87 -4.46 18.43 -29.11
CA ALA C 87 -3.42 17.63 -29.74
C ALA C 87 -2.70 18.46 -30.80
N ASP C 88 -1.39 18.23 -30.92
CA ASP C 88 -0.59 18.99 -31.89
C ASP C 88 -1.18 18.89 -33.28
N SER C 89 -1.71 17.71 -33.63
CA SER C 89 -2.13 17.52 -35.01
C SER C 89 -3.43 18.26 -35.36
N VAL C 90 -4.13 18.84 -34.39
CA VAL C 90 -5.34 19.61 -34.66
C VAL C 90 -5.23 21.06 -34.25
N LYS C 91 -4.11 21.47 -33.64
CA LYS C 91 -3.96 22.87 -33.25
C LYS C 91 -4.12 23.77 -34.45
N GLY C 92 -4.88 24.85 -34.28
CA GLY C 92 -5.14 25.77 -35.33
C GLY C 92 -6.33 25.42 -36.19
N ARG C 93 -6.69 24.15 -36.25
CA ARG C 93 -7.76 23.63 -37.08
C ARG C 93 -9.06 23.42 -36.31
N PHE C 94 -8.96 22.92 -35.09
CA PHE C 94 -10.09 22.52 -34.27
C PHE C 94 -10.23 23.48 -33.10
N THR C 95 -11.47 23.74 -32.71
CA THR C 95 -11.71 24.57 -31.54
C THR C 95 -12.74 23.87 -30.66
N ILE C 96 -12.40 23.68 -29.39
CA ILE C 96 -13.33 23.09 -28.44
C ILE C 96 -13.94 24.24 -27.65
N SER C 97 -15.24 24.13 -27.36
CA SER C 97 -15.96 25.19 -26.68
C SER C 97 -17.09 24.55 -25.87
N ALA C 98 -17.74 25.39 -25.07
CA ALA C 98 -18.84 24.88 -24.26
C ALA C 98 -19.85 25.99 -24.08
N ASP C 99 -21.12 25.62 -24.01
CA ASP C 99 -22.23 26.54 -23.77
C ASP C 99 -22.89 26.04 -22.49
N THR C 100 -22.62 26.70 -21.37
CA THR C 100 -23.17 26.21 -20.10
C THR C 100 -24.68 26.37 -20.05
N SER C 101 -25.24 27.34 -20.78
CA SER C 101 -26.70 27.49 -20.80
C SER C 101 -27.38 26.30 -21.46
N LYS C 102 -26.67 25.54 -22.29
CA LYS C 102 -27.21 24.32 -22.86
C LYS C 102 -26.57 23.08 -22.29
N ASN C 103 -25.64 23.22 -21.34
CA ASN C 103 -24.88 22.10 -20.81
C ASN C 103 -24.28 21.22 -21.91
N THR C 104 -23.75 21.87 -22.95
CA THR C 104 -23.28 21.19 -24.14
C THR C 104 -21.88 21.65 -24.49
N ALA C 105 -21.02 20.72 -24.89
CA ALA C 105 -19.69 21.04 -25.38
C ALA C 105 -19.66 20.79 -26.89
N TYR C 106 -18.74 21.47 -27.58
CA TYR C 106 -18.64 21.42 -29.03
C TYR C 106 -17.20 21.21 -29.48
N LEU C 107 -17.05 20.61 -30.66
CA LEU C 107 -15.76 20.57 -31.35
C LEU C 107 -15.99 21.08 -32.75
N GLN C 108 -15.47 22.28 -33.03
CA GLN C 108 -15.51 22.85 -34.37
C GLN C 108 -14.26 22.36 -35.09
N MET C 109 -14.45 21.62 -36.17
CA MET C 109 -13.36 21.00 -36.90
C MET C 109 -13.29 21.68 -38.26
N ASN C 110 -12.20 22.41 -38.52
CA ASN C 110 -11.95 23.03 -39.82
C ASN C 110 -10.76 22.36 -40.50
N SER C 111 -10.62 22.62 -41.79
CA SER C 111 -9.53 22.06 -42.60
C SER C 111 -9.36 20.56 -42.38
N LEU C 112 -10.47 19.83 -42.49
CA LEU C 112 -10.45 18.40 -42.25
C LEU C 112 -9.71 17.68 -43.37
N ARG C 113 -9.09 16.55 -43.02
CA ARG C 113 -8.39 15.73 -43.99
C ARG C 113 -8.74 14.26 -43.75
N ALA C 114 -8.41 13.42 -44.72
CA ALA C 114 -8.82 12.02 -44.68
C ALA C 114 -8.36 11.33 -43.40
N GLU C 115 -7.18 11.68 -42.89
CA GLU C 115 -6.67 11.05 -41.69
C GLU C 115 -7.45 11.45 -40.43
N ASP C 116 -8.35 12.44 -40.52
CA ASP C 116 -9.25 12.73 -39.39
C ASP C 116 -10.45 11.79 -39.33
N THR C 117 -10.62 10.91 -40.31
CA THR C 117 -11.72 9.95 -40.31
C THR C 117 -11.63 9.06 -39.08
N ALA C 118 -12.69 9.05 -38.28
CA ALA C 118 -12.65 8.35 -37.01
C ALA C 118 -14.03 8.42 -36.36
N VAL C 119 -14.24 7.55 -35.38
CA VAL C 119 -15.31 7.78 -34.41
C VAL C 119 -14.81 8.78 -33.38
N TYR C 120 -15.58 9.83 -33.15
CA TYR C 120 -15.26 10.85 -32.17
C TYR C 120 -16.12 10.66 -30.92
N TYR C 121 -15.45 10.41 -29.79
CA TYR C 121 -16.11 10.29 -28.48
C TYR C 121 -15.97 11.60 -27.71
N CYS C 122 -17.02 12.03 -27.02
CA CYS C 122 -16.80 12.99 -25.95
C CYS C 122 -16.77 12.26 -24.63
N ALA C 123 -16.07 12.84 -23.67
CA ALA C 123 -15.85 12.22 -22.37
C ALA C 123 -15.78 13.31 -21.33
N ARG C 124 -16.00 12.93 -20.08
CA ARG C 124 -16.02 13.85 -18.95
C ARG C 124 -15.04 13.39 -17.89
N THR C 125 -14.41 14.35 -17.22
CA THR C 125 -13.76 14.13 -15.94
C THR C 125 -14.48 14.98 -14.90
N LYS C 126 -14.96 14.34 -13.84
CA LYS C 126 -15.65 15.07 -12.79
C LYS C 126 -14.66 15.96 -12.03
N TYR C 127 -15.08 17.19 -11.73
CA TYR C 127 -14.32 18.07 -10.88
C TYR C 127 -14.49 17.69 -9.42
N HIS C 128 -13.39 17.67 -8.67
CA HIS C 128 -13.42 17.43 -7.23
C HIS C 128 -12.63 18.53 -6.53
N TYR C 129 -13.31 19.30 -5.67
CA TYR C 129 -12.67 20.45 -5.01
C TYR C 129 -11.46 20.02 -4.19
N LYS C 130 -11.47 18.82 -3.64
CA LYS C 130 -10.36 18.37 -2.80
C LYS C 130 -9.13 17.96 -3.61
N ASN C 131 -9.26 17.76 -4.91
CA ASN C 131 -8.12 17.30 -5.70
C ASN C 131 -7.21 18.47 -6.04
N TYR C 132 -6.12 18.17 -6.73
CA TYR C 132 -5.13 19.16 -7.11
C TYR C 132 -4.83 19.11 -8.59
N TYR C 133 -5.44 18.17 -9.30
CA TYR C 133 -5.29 18.08 -10.75
C TYR C 133 -6.38 17.17 -11.26
N TRP C 134 -6.61 17.24 -12.56
CA TRP C 134 -7.61 16.39 -13.19
C TRP C 134 -7.11 14.96 -13.27
N TRP C 135 -8.03 14.01 -13.13
CA TRP C 135 -7.69 12.59 -13.12
C TRP C 135 -8.08 11.98 -14.47
N ALA C 136 -8.77 10.83 -14.51
CA ALA C 136 -8.98 10.07 -15.74
C ALA C 136 -10.29 10.47 -16.41
N LEU C 137 -10.59 9.81 -17.53
CA LEU C 137 -11.82 10.08 -18.30
C LEU C 137 -12.91 9.16 -17.76
N ASP C 138 -13.75 9.69 -16.87
CA ASP C 138 -14.56 8.78 -16.09
C ASP C 138 -15.91 8.45 -16.73
N TYR C 139 -16.30 9.11 -17.81
CA TYR C 139 -17.52 8.71 -18.51
C TYR C 139 -17.40 9.14 -19.96
N TRP C 140 -17.84 8.27 -20.85
CA TRP C 140 -17.71 8.45 -22.29
C TRP C 140 -19.06 8.31 -22.96
N GLY C 141 -19.33 9.14 -23.97
CA GLY C 141 -20.50 8.94 -24.80
C GLY C 141 -20.25 7.88 -25.86
N GLN C 142 -21.31 7.58 -26.64
CA GLN C 142 -21.20 6.48 -27.60
C GLN C 142 -20.43 6.84 -28.88
N GLY C 143 -20.20 8.10 -29.13
CA GLY C 143 -19.37 8.39 -30.30
C GLY C 143 -20.21 8.76 -31.50
N THR C 144 -19.61 9.57 -32.38
CA THR C 144 -20.24 9.96 -33.64
C THR C 144 -19.16 9.81 -34.73
N LEU C 145 -19.56 9.30 -35.89
CA LEU C 145 -18.61 8.98 -36.95
C LEU C 145 -18.38 10.18 -37.85
N VAL C 146 -17.11 10.48 -38.12
CA VAL C 146 -16.71 11.56 -39.02
C VAL C 146 -15.91 10.92 -40.14
N THR C 147 -16.34 11.10 -41.38
CA THR C 147 -15.64 10.58 -42.55
C THR C 147 -15.21 11.75 -43.42
N VAL C 148 -13.93 11.81 -43.76
CA VAL C 148 -13.41 12.88 -44.60
C VAL C 148 -12.89 12.26 -45.88
N SER C 149 -13.45 12.65 -47.02
CA SER C 149 -13.09 12.02 -48.28
C SER C 149 -13.51 12.91 -49.44
N SER C 150 -12.69 12.92 -50.49
CA SER C 150 -13.07 13.61 -51.71
C SER C 150 -13.82 12.71 -52.69
N ALA C 151 -14.06 11.44 -52.34
CA ALA C 151 -14.75 10.54 -53.24
C ALA C 151 -16.19 10.98 -53.46
N SER C 152 -16.73 10.64 -54.62
CA SER C 152 -18.13 10.90 -54.96
C SER C 152 -18.97 9.66 -54.74
N THR C 153 -20.23 9.86 -54.39
CA THR C 153 -21.15 8.74 -54.19
C THR C 153 -21.17 7.85 -55.43
N LYS C 154 -21.03 6.53 -55.21
CA LYS C 154 -20.98 5.61 -56.33
C LYS C 154 -21.50 4.27 -55.83
N GLY C 155 -22.42 3.66 -56.56
CA GLY C 155 -22.92 2.36 -56.21
C GLY C 155 -21.90 1.30 -56.55
N PRO C 156 -22.00 0.14 -55.92
CA PRO C 156 -21.00 -0.90 -56.14
C PRO C 156 -21.19 -1.60 -57.46
N SER C 157 -20.08 -2.11 -57.98
CA SER C 157 -20.12 -3.18 -58.99
C SER C 157 -20.04 -4.49 -58.25
N VAL C 158 -20.88 -5.45 -58.62
CA VAL C 158 -20.98 -6.73 -57.93
C VAL C 158 -20.56 -7.83 -58.89
N PHE C 159 -19.52 -8.56 -58.53
CA PHE C 159 -18.99 -9.59 -59.40
C PHE C 159 -19.04 -10.94 -58.72
N PRO C 160 -19.37 -12.01 -59.44
CA PRO C 160 -19.49 -13.32 -58.81
C PRO C 160 -18.13 -13.87 -58.45
N LEU C 161 -18.08 -14.56 -57.31
CA LEU C 161 -16.93 -15.37 -56.94
C LEU C 161 -17.39 -16.81 -57.13
N ALA C 162 -17.11 -17.37 -58.30
CA ALA C 162 -17.81 -18.61 -58.63
C ALA C 162 -17.01 -19.83 -58.14
N PRO C 163 -17.70 -20.87 -57.68
CA PRO C 163 -17.00 -22.12 -57.38
C PRO C 163 -16.60 -22.80 -58.67
N SER C 164 -15.43 -23.42 -58.68
CA SER C 164 -15.00 -24.15 -59.87
C SER C 164 -14.98 -25.65 -59.58
N SER C 165 -15.26 -26.44 -60.61
CA SER C 165 -15.21 -27.89 -60.46
C SER C 165 -13.79 -28.36 -60.23
N LYS C 166 -12.83 -27.81 -60.98
CA LYS C 166 -11.42 -28.12 -60.74
C LYS C 166 -11.01 -27.71 -59.34
N SER C 167 -11.68 -26.71 -58.76
CA SER C 167 -11.20 -26.03 -57.55
C SER C 167 -12.01 -26.40 -56.31
N THR C 168 -12.86 -27.42 -56.38
CA THR C 168 -13.64 -27.87 -55.24
C THR C 168 -12.93 -28.98 -54.50
N SER C 169 -12.78 -28.82 -53.19
CA SER C 169 -12.08 -29.78 -52.33
C SER C 169 -13.07 -30.34 -51.33
N GLY C 170 -13.15 -31.67 -51.27
CA GLY C 170 -14.06 -32.36 -50.39
C GLY C 170 -15.49 -32.03 -50.76
N GLY C 171 -16.38 -32.22 -49.80
CA GLY C 171 -17.78 -32.00 -50.11
C GLY C 171 -18.28 -30.58 -50.02
N THR C 172 -17.41 -29.61 -49.79
CA THR C 172 -17.82 -28.24 -49.56
C THR C 172 -17.28 -27.32 -50.64
N ALA C 173 -18.14 -26.48 -51.19
CA ALA C 173 -17.71 -25.44 -52.09
C ALA C 173 -17.86 -24.08 -51.42
N ALA C 174 -17.02 -23.14 -51.84
CA ALA C 174 -17.16 -21.75 -51.43
C ALA C 174 -17.53 -20.94 -52.66
N LEU C 175 -18.44 -20.00 -52.49
CA LEU C 175 -18.80 -19.08 -53.55
C LEU C 175 -19.05 -17.75 -52.88
N GLY C 176 -19.20 -16.69 -53.66
CA GLY C 176 -19.42 -15.41 -53.05
C GLY C 176 -19.63 -14.33 -54.07
N CYS C 177 -19.60 -13.09 -53.58
CA CYS C 177 -19.75 -11.89 -54.40
C CYS C 177 -18.72 -10.87 -53.99
N LEU C 178 -18.05 -10.29 -54.97
CA LEU C 178 -17.14 -9.18 -54.75
C LEU C 178 -17.94 -7.90 -54.96
N VAL C 179 -18.02 -7.07 -53.93
CA VAL C 179 -18.82 -5.84 -53.93
C VAL C 179 -17.81 -4.71 -54.00
N LYS C 180 -17.58 -4.18 -55.19
CA LYS C 180 -16.37 -3.43 -55.47
C LYS C 180 -16.68 -1.98 -55.82
N ASP C 181 -15.82 -1.08 -55.33
CA ASP C 181 -15.73 0.29 -55.81
C ASP C 181 -17.01 1.07 -55.52
N TYR C 182 -17.42 1.07 -54.26
CA TYR C 182 -18.55 1.89 -53.85
C TYR C 182 -18.11 2.95 -52.86
N PHE C 183 -18.96 3.97 -52.68
CA PHE C 183 -18.69 5.02 -51.71
C PHE C 183 -20.01 5.73 -51.46
N PRO C 184 -20.32 6.09 -50.20
CA PRO C 184 -19.57 5.79 -48.98
C PRO C 184 -20.04 4.48 -48.39
N GLU C 185 -19.47 4.08 -47.27
CA GLU C 185 -20.04 3.00 -46.48
C GLU C 185 -21.44 3.40 -46.04
N PRO C 186 -22.31 2.42 -45.75
CA PRO C 186 -22.12 0.97 -45.80
C PRO C 186 -22.82 0.32 -46.96
N VAL C 187 -22.47 -0.93 -47.22
CA VAL C 187 -23.32 -1.81 -48.01
C VAL C 187 -23.80 -2.91 -47.07
N THR C 188 -24.94 -3.49 -47.39
CA THR C 188 -25.39 -4.70 -46.72
C THR C 188 -25.46 -5.81 -47.75
N VAL C 189 -25.19 -7.04 -47.31
CA VAL C 189 -25.23 -8.17 -48.21
C VAL C 189 -26.05 -9.28 -47.55
N SER C 190 -27.02 -9.79 -48.28
CA SER C 190 -27.69 -11.02 -47.87
C SER C 190 -27.57 -12.04 -48.97
N TRP C 191 -27.98 -13.27 -48.67
CA TRP C 191 -27.94 -14.36 -49.64
C TRP C 191 -29.33 -14.99 -49.74
N ASN C 192 -29.79 -15.23 -50.97
CA ASN C 192 -31.10 -15.83 -51.22
C ASN C 192 -32.19 -15.09 -50.45
N SER C 193 -32.09 -13.76 -50.46
CA SER C 193 -33.06 -12.86 -49.81
C SER C 193 -33.15 -13.14 -48.32
N GLY C 194 -32.05 -13.51 -47.69
CA GLY C 194 -32.04 -13.83 -46.27
C GLY C 194 -32.34 -15.28 -45.94
N ALA C 195 -32.73 -16.10 -46.91
CA ALA C 195 -33.01 -17.50 -46.63
C ALA C 195 -31.75 -18.30 -46.35
N LEU C 196 -30.58 -17.80 -46.76
CA LEU C 196 -29.33 -18.52 -46.62
C LEU C 196 -28.46 -17.70 -45.68
N THR C 197 -28.23 -18.22 -44.48
CA THR C 197 -27.47 -17.48 -43.48
C THR C 197 -26.32 -18.32 -42.94
N SER C 198 -26.50 -19.63 -42.90
CA SER C 198 -25.51 -20.54 -42.35
C SER C 198 -24.26 -20.55 -43.22
N GLY C 199 -23.10 -20.32 -42.61
CA GLY C 199 -21.85 -20.32 -43.34
C GLY C 199 -21.54 -19.07 -44.12
N VAL C 200 -22.37 -18.01 -43.99
CA VAL C 200 -22.11 -16.75 -44.67
C VAL C 200 -21.05 -15.98 -43.90
N HIS C 201 -20.07 -15.41 -44.62
CA HIS C 201 -19.12 -14.48 -44.02
C HIS C 201 -19.06 -13.25 -44.91
N THR C 202 -19.47 -12.10 -44.38
CA THR C 202 -19.34 -10.84 -45.10
C THR C 202 -18.21 -10.05 -44.46
N PHE C 203 -17.16 -9.76 -45.24
CA PHE C 203 -15.95 -9.20 -44.68
C PHE C 203 -16.07 -7.70 -44.48
N PRO C 204 -15.34 -7.16 -43.51
CA PRO C 204 -15.24 -5.71 -43.38
C PRO C 204 -14.76 -5.08 -44.68
N ALA C 205 -15.30 -3.91 -44.99
CA ALA C 205 -14.82 -3.18 -46.16
C ALA C 205 -13.36 -2.76 -45.97
N VAL C 206 -12.62 -2.68 -47.07
CA VAL C 206 -11.31 -2.07 -47.06
C VAL C 206 -11.39 -0.81 -47.90
N LEU C 207 -10.74 0.25 -47.41
CA LEU C 207 -10.64 1.48 -48.18
C LEU C 207 -9.51 1.34 -49.19
N GLN C 208 -9.87 1.38 -50.47
CA GLN C 208 -8.90 1.22 -51.53
C GLN C 208 -8.17 2.53 -51.78
N SER C 209 -7.03 2.43 -52.47
CA SER C 209 -6.21 3.59 -52.74
C SER C 209 -6.94 4.61 -53.60
N SER C 210 -7.94 4.16 -54.35
CA SER C 210 -8.83 5.03 -55.11
C SER C 210 -9.75 5.87 -54.24
N GLY C 211 -9.82 5.59 -52.94
CA GLY C 211 -10.81 6.21 -52.09
C GLY C 211 -12.16 5.55 -52.08
N LEU C 212 -12.35 4.49 -52.88
CA LEU C 212 -13.59 3.74 -52.87
C LEU C 212 -13.42 2.51 -51.98
N TYR C 213 -14.54 1.95 -51.55
CA TYR C 213 -14.54 0.77 -50.70
C TYR C 213 -14.82 -0.49 -51.53
N SER C 214 -14.39 -1.63 -50.98
CA SER C 214 -14.62 -2.93 -51.59
C SER C 214 -14.69 -3.96 -50.49
N LEU C 215 -15.55 -4.95 -50.69
CA LEU C 215 -15.61 -6.08 -49.77
C LEU C 215 -16.14 -7.28 -50.53
N SER C 216 -15.92 -8.45 -49.95
CA SER C 216 -16.48 -9.69 -50.45
C SER C 216 -17.39 -10.28 -49.39
N SER C 217 -18.41 -10.98 -49.85
CA SER C 217 -19.25 -11.83 -49.01
C SER C 217 -19.19 -13.23 -49.57
N VAL C 218 -18.96 -14.22 -48.71
CA VAL C 218 -18.82 -15.59 -49.17
C VAL C 218 -19.74 -16.49 -48.36
N VAL C 219 -19.97 -17.69 -48.89
CA VAL C 219 -20.73 -18.73 -48.20
C VAL C 219 -20.16 -20.06 -48.63
N THR C 220 -20.17 -21.02 -47.72
CA THR C 220 -19.80 -22.40 -48.04
C THR C 220 -21.06 -23.24 -48.04
N VAL C 221 -21.16 -24.13 -49.03
CA VAL C 221 -22.33 -24.96 -49.28
C VAL C 221 -21.86 -26.33 -49.70
N PRO C 222 -22.75 -27.34 -49.65
CA PRO C 222 -22.40 -28.64 -50.20
C PRO C 222 -22.12 -28.53 -51.69
N SER C 223 -20.99 -29.09 -52.13
CA SER C 223 -20.63 -29.00 -53.54
C SER C 223 -21.60 -29.78 -54.41
N SER C 224 -22.11 -30.90 -53.91
CA SER C 224 -23.05 -31.70 -54.69
C SER C 224 -24.35 -30.97 -54.96
N SER C 225 -24.66 -29.93 -54.16
CA SER C 225 -25.89 -29.17 -54.30
C SER C 225 -25.84 -28.17 -55.45
N LEU C 226 -24.66 -27.91 -56.01
CA LEU C 226 -24.49 -26.74 -56.88
C LEU C 226 -25.35 -26.80 -58.12
N GLY C 227 -25.69 -28.00 -58.60
CA GLY C 227 -26.48 -28.10 -59.82
C GLY C 227 -27.96 -27.81 -59.65
N THR C 228 -28.49 -27.92 -58.44
CA THR C 228 -29.93 -27.77 -58.22
C THR C 228 -30.26 -26.62 -57.30
N GLN C 229 -29.26 -25.90 -56.82
CA GLN C 229 -29.45 -24.75 -55.94
C GLN C 229 -29.05 -23.52 -56.70
N THR C 230 -29.78 -22.44 -56.50
CA THR C 230 -29.42 -21.15 -57.05
C THR C 230 -28.96 -20.29 -55.89
N TYR C 231 -27.83 -19.62 -56.07
CA TYR C 231 -27.27 -18.74 -55.06
C TYR C 231 -27.22 -17.33 -55.63
N ILE C 232 -27.87 -16.41 -54.94
CA ILE C 232 -27.95 -15.01 -55.35
C ILE C 232 -27.52 -14.17 -54.16
N CYS C 233 -26.59 -13.25 -54.38
CA CYS C 233 -26.26 -12.30 -53.34
C CYS C 233 -27.05 -11.02 -53.55
N ASN C 234 -27.61 -10.49 -52.46
CA ASN C 234 -28.44 -9.29 -52.50
C ASN C 234 -27.64 -8.16 -51.86
N VAL C 235 -27.21 -7.20 -52.68
CA VAL C 235 -26.38 -6.10 -52.23
C VAL C 235 -27.22 -4.84 -52.19
N ASN C 236 -27.23 -4.17 -51.04
CA ASN C 236 -27.96 -2.91 -50.88
C ASN C 236 -26.95 -1.82 -50.54
N HIS C 237 -26.98 -0.72 -51.30
CA HIS C 237 -26.12 0.44 -51.02
C HIS C 237 -27.06 1.64 -50.95
N LYS C 238 -27.57 1.90 -49.75
CA LYS C 238 -28.52 2.98 -49.56
C LYS C 238 -27.99 4.35 -49.99
N PRO C 239 -26.74 4.74 -49.69
CA PRO C 239 -26.28 6.07 -50.13
C PRO C 239 -26.50 6.36 -51.59
N SER C 240 -26.41 5.36 -52.48
CA SER C 240 -26.64 5.57 -53.90
C SER C 240 -28.00 5.03 -54.34
N ASN C 241 -28.85 4.62 -53.40
CA ASN C 241 -30.16 4.07 -53.69
C ASN C 241 -30.05 2.86 -54.63
N THR C 242 -29.01 2.06 -54.43
CA THR C 242 -28.70 0.94 -55.32
C THR C 242 -29.03 -0.39 -54.65
N LYS C 243 -29.70 -1.26 -55.38
CA LYS C 243 -29.87 -2.66 -55.01
C LYS C 243 -29.44 -3.53 -56.19
N VAL C 244 -28.54 -4.48 -55.94
CA VAL C 244 -28.06 -5.37 -56.97
C VAL C 244 -28.27 -6.81 -56.47
N ASP C 245 -28.88 -7.64 -57.30
CA ASP C 245 -28.92 -9.08 -57.07
C ASP C 245 -28.05 -9.74 -58.12
N LYS C 246 -27.10 -10.55 -57.67
CA LYS C 246 -26.20 -11.24 -58.59
C LYS C 246 -26.29 -12.73 -58.35
N LYS C 247 -26.69 -13.47 -59.37
CA LYS C 247 -26.68 -14.93 -59.31
C LYS C 247 -25.25 -15.41 -59.46
N VAL C 248 -24.84 -16.32 -58.58
CA VAL C 248 -23.49 -16.88 -58.61
C VAL C 248 -23.60 -18.32 -59.07
N GLU C 249 -23.02 -18.62 -60.23
CA GLU C 249 -23.15 -19.94 -60.85
C GLU C 249 -21.77 -20.56 -61.04
N PRO C 250 -21.70 -21.89 -61.02
CA PRO C 250 -20.40 -22.53 -61.26
C PRO C 250 -19.95 -22.28 -62.69
N LYS C 251 -18.64 -22.14 -62.87
CA LYS C 251 -18.03 -21.89 -64.18
C LYS C 251 -17.51 -23.18 -64.81
N SER C 252 -17.67 -23.29 -66.13
CA SER C 252 -17.22 -24.47 -66.87
C SER C 252 -15.88 -24.22 -67.58
N SER D 24 8.25 16.87 -24.42
CA SER D 24 8.43 15.43 -24.65
C SER D 24 7.27 14.60 -24.11
N ASP D 25 6.54 13.97 -25.03
CA ASP D 25 5.37 13.20 -24.65
C ASP D 25 5.79 11.83 -24.13
N ILE D 26 4.88 11.19 -23.41
CA ILE D 26 5.12 9.87 -22.87
C ILE D 26 4.29 8.87 -23.64
N GLN D 27 4.96 7.83 -24.15
CA GLN D 27 4.26 6.79 -24.89
C GLN D 27 3.89 5.66 -23.96
N MET D 28 2.76 5.03 -24.24
CA MET D 28 2.30 3.86 -23.52
C MET D 28 2.26 2.71 -24.50
N THR D 29 3.03 1.67 -24.24
CA THR D 29 3.18 0.56 -25.18
C THR D 29 2.50 -0.66 -24.56
N GLN D 30 1.44 -1.12 -25.21
CA GLN D 30 0.62 -2.19 -24.67
C GLN D 30 0.95 -3.51 -25.33
N SER D 31 0.99 -4.57 -24.52
CA SER D 31 1.20 -5.92 -25.04
C SER D 31 0.40 -6.90 -24.20
N PRO D 32 -0.08 -8.01 -24.80
CA PRO D 32 -0.01 -8.28 -26.24
C PRO D 32 -1.13 -7.58 -26.98
N SER D 33 -1.07 -7.53 -28.31
CA SER D 33 -2.16 -6.91 -29.05
C SER D 33 -3.44 -7.69 -28.88
N SER D 34 -3.34 -9.00 -28.71
CA SER D 34 -4.52 -9.78 -28.44
C SER D 34 -4.12 -11.02 -27.66
N LEU D 35 -5.10 -11.57 -26.97
CA LEU D 35 -4.86 -12.83 -26.29
C LEU D 35 -6.17 -13.60 -26.24
N SER D 36 -6.04 -14.91 -26.32
CA SER D 36 -7.18 -15.78 -26.21
C SER D 36 -7.17 -16.39 -24.83
N ALA D 37 -8.34 -16.45 -24.22
CA ALA D 37 -8.46 -17.00 -22.88
C ALA D 37 -9.84 -17.64 -22.75
N SER D 38 -10.02 -18.40 -21.68
CA SER D 38 -11.28 -19.04 -21.38
C SER D 38 -11.83 -18.47 -20.09
N VAL D 39 -13.15 -18.58 -19.94
CA VAL D 39 -13.81 -18.20 -18.70
C VAL D 39 -13.16 -18.92 -17.53
N GLY D 40 -12.89 -18.18 -16.47
CA GLY D 40 -12.22 -18.72 -15.31
C GLY D 40 -10.71 -18.54 -15.32
N ASP D 41 -10.11 -18.22 -16.47
CA ASP D 41 -8.68 -17.97 -16.53
C ASP D 41 -8.32 -16.70 -15.77
N ARG D 42 -7.09 -16.67 -15.28
CA ARG D 42 -6.47 -15.45 -14.79
C ARG D 42 -5.77 -14.79 -15.96
N VAL D 43 -6.12 -13.54 -16.22
CA VAL D 43 -5.65 -12.81 -17.40
C VAL D 43 -4.89 -11.58 -16.92
N THR D 44 -3.72 -11.34 -17.50
CA THR D 44 -2.96 -10.12 -17.23
C THR D 44 -2.62 -9.40 -18.52
N ILE D 45 -2.78 -8.09 -18.51
CA ILE D 45 -2.51 -7.23 -19.65
C ILE D 45 -1.49 -6.21 -19.22
N THR D 46 -0.49 -5.97 -20.05
CA THR D 46 0.64 -5.15 -19.64
C THR D 46 0.72 -3.89 -20.50
N CYS D 47 1.28 -2.86 -19.90
CA CYS D 47 1.36 -1.57 -20.56
C CYS D 47 2.62 -0.92 -20.03
N ARG D 48 3.55 -0.59 -20.91
CA ARG D 48 4.83 -0.06 -20.52
C ARG D 48 4.87 1.42 -20.87
N ALA D 49 5.11 2.26 -19.87
CA ALA D 49 5.28 3.69 -20.11
C ALA D 49 6.71 3.95 -20.56
N SER D 50 6.86 4.84 -21.55
CA SER D 50 8.19 5.10 -22.07
C SER D 50 9.09 5.78 -21.04
N GLN D 51 8.51 6.41 -20.02
CA GLN D 51 9.26 6.93 -18.87
C GLN D 51 8.26 7.02 -17.71
N SER D 52 8.76 7.38 -16.53
CA SER D 52 7.93 7.27 -15.34
C SER D 52 6.71 8.18 -15.43
N VAL D 53 5.56 7.64 -15.05
CA VAL D 53 4.31 8.37 -14.92
C VAL D 53 3.79 8.33 -13.48
N TYR D 54 4.68 7.96 -12.55
CA TYR D 54 4.34 7.75 -11.14
C TYR D 54 3.22 6.71 -11.10
N TYR D 55 2.09 7.02 -10.49
CA TYR D 55 0.99 6.07 -10.47
C TYR D 55 -0.21 6.56 -11.28
N SER D 56 -0.02 7.57 -12.12
CA SER D 56 -1.14 8.21 -12.80
C SER D 56 -1.49 7.46 -14.09
N VAL D 57 -2.06 6.27 -13.91
CA VAL D 57 -2.44 5.42 -15.03
C VAL D 57 -3.88 4.98 -14.87
N ALA D 58 -4.62 5.00 -15.97
CA ALA D 58 -5.99 4.49 -16.00
C ALA D 58 -6.09 3.34 -16.98
N TRP D 59 -7.09 2.48 -16.73
CA TRP D 59 -7.42 1.36 -17.60
C TRP D 59 -8.87 1.48 -18.00
N TYR D 60 -9.16 1.29 -19.28
CA TYR D 60 -10.52 1.35 -19.82
C TYR D 60 -10.87 0.03 -20.50
N GLN D 61 -12.15 -0.30 -20.51
CA GLN D 61 -12.67 -1.44 -21.25
C GLN D 61 -13.59 -0.94 -22.37
N GLN D 62 -13.43 -1.50 -23.56
CA GLN D 62 -14.28 -1.12 -24.69
C GLN D 62 -14.76 -2.38 -25.41
N LYS D 63 -16.09 -2.52 -25.53
CA LYS D 63 -16.74 -3.57 -26.33
C LYS D 63 -17.08 -3.03 -27.71
N PRO D 64 -17.15 -3.89 -28.74
CA PRO D 64 -17.27 -3.39 -30.11
C PRO D 64 -18.49 -2.49 -30.27
N GLY D 65 -18.29 -1.38 -30.94
CA GLY D 65 -19.37 -0.43 -31.18
C GLY D 65 -19.84 0.30 -29.95
N LYS D 66 -19.10 0.25 -28.85
CA LYS D 66 -19.56 0.83 -27.60
C LYS D 66 -18.52 1.82 -27.09
N ALA D 67 -18.97 2.65 -26.17
CA ALA D 67 -18.10 3.63 -25.53
C ALA D 67 -17.21 2.97 -24.49
N PRO D 68 -15.97 3.42 -24.35
CA PRO D 68 -15.12 2.91 -23.27
C PRO D 68 -15.72 3.17 -21.90
N LYS D 69 -15.34 2.33 -20.94
CA LYS D 69 -15.70 2.51 -19.54
C LYS D 69 -14.43 2.52 -18.70
N LEU D 70 -14.37 3.43 -17.73
CA LEU D 70 -13.23 3.49 -16.82
C LEU D 70 -13.30 2.34 -15.82
N LEU D 71 -12.21 1.56 -15.71
CA LEU D 71 -12.09 0.45 -14.77
C LEU D 71 -11.21 0.78 -13.59
N ILE D 72 -10.04 1.35 -13.85
CA ILE D 72 -9.00 1.53 -12.84
C ILE D 72 -8.46 2.95 -13.01
N TYR D 73 -8.22 3.63 -11.90
CA TYR D 73 -7.52 4.90 -11.93
C TYR D 73 -6.42 4.84 -10.88
N SER D 74 -5.45 5.75 -11.01
CA SER D 74 -4.31 5.81 -10.09
C SER D 74 -3.64 4.44 -9.95
N ALA D 75 -3.51 3.74 -11.08
CA ALA D 75 -2.81 2.47 -11.24
C ALA D 75 -3.54 1.26 -10.65
N SER D 76 -4.17 1.42 -9.48
CA SER D 76 -4.67 0.27 -8.73
C SER D 76 -6.03 0.47 -8.07
N TYR D 77 -6.66 1.64 -8.21
CA TYR D 77 -7.93 1.92 -7.58
C TYR D 77 -9.07 1.59 -8.53
N LEU D 78 -10.03 0.81 -8.05
CA LEU D 78 -11.18 0.38 -8.85
C LEU D 78 -12.18 1.51 -8.94
N TYR D 79 -12.64 1.79 -10.16
CA TYR D 79 -13.64 2.82 -10.30
C TYR D 79 -15.01 2.31 -9.85
N SER D 80 -15.93 3.24 -9.61
CA SER D 80 -17.26 2.91 -9.13
C SER D 80 -17.90 1.83 -9.98
N GLY D 81 -18.41 0.78 -9.33
CA GLY D 81 -19.15 -0.22 -10.06
C GLY D 81 -18.33 -1.31 -10.73
N VAL D 82 -17.01 -1.25 -10.63
CA VAL D 82 -16.14 -2.24 -11.25
C VAL D 82 -16.00 -3.44 -10.33
N PRO D 83 -16.22 -4.66 -10.82
CA PRO D 83 -16.14 -5.85 -9.96
C PRO D 83 -14.71 -6.10 -9.48
N SER D 84 -14.61 -6.72 -8.30
CA SER D 84 -13.33 -6.87 -7.64
C SER D 84 -12.41 -7.88 -8.31
N ARG D 85 -12.87 -8.60 -9.34
CA ARG D 85 -11.95 -9.46 -10.08
C ARG D 85 -10.94 -8.65 -10.90
N PHE D 86 -11.22 -7.36 -11.12
CA PHE D 86 -10.24 -6.48 -11.75
C PHE D 86 -9.29 -5.92 -10.72
N SER D 87 -8.01 -5.88 -11.06
CA SER D 87 -7.02 -5.24 -10.21
C SER D 87 -5.94 -4.67 -11.10
N GLY D 88 -5.19 -3.72 -10.55
CA GLY D 88 -4.12 -3.09 -11.31
C GLY D 88 -2.89 -2.92 -10.43
N SER D 89 -1.73 -2.95 -11.07
CA SER D 89 -0.50 -2.80 -10.32
C SER D 89 0.57 -2.16 -11.18
N ARG D 90 1.65 -1.76 -10.53
CA ARG D 90 2.78 -1.13 -11.19
C ARG D 90 4.05 -1.83 -10.74
N SER D 91 4.97 -2.07 -11.68
CA SER D 91 6.33 -2.51 -11.38
C SER D 91 7.27 -1.70 -12.27
N GLY D 92 7.92 -0.70 -11.68
CA GLY D 92 8.78 0.17 -12.45
C GLY D 92 7.96 1.02 -13.40
N THR D 93 8.19 0.86 -14.71
CA THR D 93 7.39 1.56 -15.70
C THR D 93 6.31 0.67 -16.31
N ASP D 94 6.21 -0.58 -15.85
CA ASP D 94 5.22 -1.53 -16.36
C ASP D 94 3.97 -1.49 -15.49
N PHE D 95 2.82 -1.35 -16.13
CA PHE D 95 1.54 -1.34 -15.45
C PHE D 95 0.75 -2.55 -15.94
N THR D 96 0.11 -3.26 -15.02
CA THR D 96 -0.63 -4.45 -15.39
C THR D 96 -2.06 -4.34 -14.92
N LEU D 97 -2.97 -4.77 -15.79
CA LEU D 97 -4.35 -5.01 -15.42
C LEU D 97 -4.53 -6.51 -15.33
N THR D 98 -5.07 -6.98 -14.20
CA THR D 98 -5.31 -8.40 -13.97
C THR D 98 -6.80 -8.65 -13.78
N ILE D 99 -7.33 -9.65 -14.49
CA ILE D 99 -8.65 -10.18 -14.24
C ILE D 99 -8.46 -11.56 -13.61
N SER D 100 -8.93 -11.74 -12.39
CA SER D 100 -8.54 -12.89 -11.60
C SER D 100 -9.23 -14.16 -12.09
N SER D 101 -10.50 -14.04 -12.47
CA SER D 101 -11.25 -15.15 -13.03
C SER D 101 -12.12 -14.57 -14.14
N LEU D 102 -11.67 -14.74 -15.38
CA LEU D 102 -12.35 -14.14 -16.52
C LEU D 102 -13.80 -14.59 -16.59
N GLN D 103 -14.70 -13.61 -16.75
CA GLN D 103 -16.12 -13.86 -16.94
C GLN D 103 -16.50 -13.60 -18.39
N PRO D 104 -17.62 -14.15 -18.85
CA PRO D 104 -17.98 -14.01 -20.28
C PRO D 104 -18.13 -12.57 -20.74
N GLU D 105 -18.61 -11.68 -19.88
CA GLU D 105 -18.77 -10.28 -20.23
C GLU D 105 -17.44 -9.53 -20.27
N ASP D 106 -16.31 -10.19 -20.00
CA ASP D 106 -15.01 -9.56 -20.00
C ASP D 106 -14.28 -9.67 -21.32
N PHE D 107 -14.79 -10.44 -22.28
CA PHE D 107 -14.20 -10.43 -23.60
C PHE D 107 -14.46 -9.08 -24.26
N ALA D 108 -13.39 -8.35 -24.52
CA ALA D 108 -13.46 -6.95 -24.90
C ALA D 108 -12.05 -6.47 -25.19
N THR D 109 -11.90 -5.19 -25.54
CA THR D 109 -10.59 -4.58 -25.69
C THR D 109 -10.33 -3.68 -24.50
N TYR D 110 -9.08 -3.69 -24.02
CA TYR D 110 -8.67 -2.95 -22.85
C TYR D 110 -7.56 -1.99 -23.23
N TYR D 111 -7.66 -0.75 -22.77
CA TYR D 111 -6.69 0.29 -23.07
C TYR D 111 -6.12 0.86 -21.78
N CYS D 112 -4.83 1.11 -21.76
CA CYS D 112 -4.23 1.88 -20.67
C CYS D 112 -4.03 3.32 -21.13
N GLN D 113 -3.84 4.22 -20.16
CA GLN D 113 -3.67 5.63 -20.45
C GLN D 113 -2.87 6.25 -19.32
N GLN D 114 -1.93 7.14 -19.64
CA GLN D 114 -1.29 7.90 -18.57
C GLN D 114 -1.87 9.30 -18.50
N TYR D 115 -1.90 9.85 -17.28
CA TYR D 115 -2.27 11.26 -17.14
C TYR D 115 -1.32 11.98 -16.20
N ARG D 116 -0.11 11.46 -16.03
CA ARG D 116 0.89 12.17 -15.25
C ARG D 116 1.30 13.47 -15.93
N ARG D 117 1.37 13.47 -17.26
CA ARG D 117 1.92 14.58 -18.01
C ARG D 117 1.07 14.80 -19.24
N ARG D 118 0.78 16.04 -19.56
CA ARG D 118 0.00 16.30 -20.74
C ARG D 118 0.91 16.34 -21.96
N PRO D 119 0.41 15.93 -23.15
CA PRO D 119 -0.93 15.40 -23.43
C PRO D 119 -1.13 14.00 -22.89
N ILE D 120 -2.36 13.65 -22.51
CA ILE D 120 -2.63 12.27 -22.14
C ILE D 120 -2.43 11.38 -23.36
N THR D 121 -1.96 10.16 -23.11
CA THR D 121 -1.63 9.23 -24.18
C THR D 121 -2.15 7.86 -23.80
N PHE D 122 -2.52 7.08 -24.83
CA PHE D 122 -3.15 5.77 -24.68
C PHE D 122 -2.26 4.67 -25.23
N GLY D 123 -2.34 3.50 -24.64
CA GLY D 123 -1.82 2.31 -25.28
C GLY D 123 -2.70 1.92 -26.45
N GLN D 124 -2.17 1.01 -27.28
CA GLN D 124 -2.86 0.63 -28.51
C GLN D 124 -3.94 -0.42 -28.30
N GLY D 125 -4.08 -0.95 -27.10
CA GLY D 125 -5.18 -1.85 -26.83
C GLY D 125 -4.77 -3.32 -26.81
N THR D 126 -5.50 -4.11 -26.02
CA THR D 126 -5.38 -5.57 -25.98
C THR D 126 -6.78 -6.13 -26.13
N LYS D 127 -7.01 -6.91 -27.18
CA LYS D 127 -8.29 -7.56 -27.39
C LYS D 127 -8.25 -8.93 -26.72
N VAL D 128 -9.16 -9.17 -25.79
CA VAL D 128 -9.29 -10.47 -25.15
C VAL D 128 -10.32 -11.27 -25.91
N GLU D 129 -9.90 -12.37 -26.52
CA GLU D 129 -10.75 -13.19 -27.37
C GLU D 129 -10.92 -14.59 -26.77
N ILE D 130 -11.81 -15.37 -27.40
CA ILE D 130 -12.23 -16.66 -26.86
C ILE D 130 -11.29 -17.76 -27.31
N LYS D 131 -10.77 -18.52 -26.36
CA LYS D 131 -9.90 -19.65 -26.69
C LYS D 131 -10.73 -20.85 -27.16
N ARG D 132 -10.24 -21.52 -28.21
CA ARG D 132 -10.78 -22.81 -28.63
C ARG D 132 -9.66 -23.61 -29.28
N THR D 133 -10.02 -24.79 -29.80
CA THR D 133 -9.05 -25.66 -30.44
C THR D 133 -8.60 -25.10 -31.78
N VAL D 134 -7.39 -25.53 -32.18
CA VAL D 134 -6.83 -25.08 -33.45
C VAL D 134 -7.71 -25.57 -34.60
N ALA D 135 -7.86 -24.72 -35.61
CA ALA D 135 -8.60 -25.08 -36.82
C ALA D 135 -7.83 -24.54 -38.02
N ALA D 136 -7.42 -25.43 -38.91
CA ALA D 136 -6.76 -24.99 -40.12
C ALA D 136 -7.78 -24.31 -41.04
N PRO D 137 -7.35 -23.29 -41.78
CA PRO D 137 -8.27 -22.67 -42.74
C PRO D 137 -8.52 -23.61 -43.90
N SER D 138 -9.76 -23.58 -44.41
CA SER D 138 -10.03 -24.10 -45.74
C SER D 138 -9.79 -22.96 -46.72
N VAL D 139 -8.99 -23.22 -47.75
CA VAL D 139 -8.52 -22.16 -48.65
C VAL D 139 -9.18 -22.34 -50.00
N PHE D 140 -9.60 -21.23 -50.59
CA PHE D 140 -10.26 -21.18 -51.88
C PHE D 140 -9.70 -20.00 -52.65
N ILE D 141 -9.45 -20.18 -53.96
CA ILE D 141 -9.03 -19.05 -54.79
C ILE D 141 -10.09 -18.84 -55.88
N PHE D 142 -10.35 -17.57 -56.18
CA PHE D 142 -11.33 -17.18 -57.20
C PHE D 142 -10.68 -16.33 -58.27
N PRO D 143 -10.62 -16.78 -59.52
CA PRO D 143 -10.17 -15.91 -60.60
C PRO D 143 -11.14 -14.75 -60.78
N PRO D 144 -10.69 -13.66 -61.40
CA PRO D 144 -11.64 -12.59 -61.71
C PRO D 144 -12.68 -13.10 -62.68
N SER D 145 -13.92 -12.65 -62.49
CA SER D 145 -15.01 -13.00 -63.38
C SER D 145 -14.83 -12.35 -64.75
N ASP D 146 -15.45 -12.96 -65.76
CA ASP D 146 -15.48 -12.30 -67.07
C ASP D 146 -16.17 -10.96 -67.00
N GLU D 147 -17.22 -10.85 -66.16
CA GLU D 147 -17.87 -9.56 -65.94
C GLU D 147 -16.88 -8.50 -65.49
N GLN D 148 -16.00 -8.86 -64.55
CA GLN D 148 -15.05 -7.87 -64.07
C GLN D 148 -14.04 -7.52 -65.17
N LEU D 149 -13.51 -8.53 -65.86
CA LEU D 149 -12.54 -8.28 -66.92
C LEU D 149 -13.11 -7.35 -67.99
N LYS D 150 -14.37 -7.57 -68.41
CA LYS D 150 -14.98 -6.68 -69.40
C LYS D 150 -14.98 -5.23 -68.94
N SER D 151 -15.09 -5.00 -67.64
CA SER D 151 -15.12 -3.63 -67.14
C SER D 151 -13.73 -3.03 -66.95
N GLY D 152 -12.68 -3.85 -67.00
CA GLY D 152 -11.31 -3.35 -66.97
C GLY D 152 -10.49 -3.72 -65.75
N THR D 153 -11.04 -4.44 -64.79
CA THR D 153 -10.31 -4.76 -63.57
C THR D 153 -10.22 -6.27 -63.39
N ALA D 154 -9.30 -6.69 -62.54
CA ALA D 154 -9.12 -8.12 -62.29
C ALA D 154 -8.71 -8.31 -60.84
N SER D 155 -9.70 -8.43 -59.97
CA SER D 155 -9.42 -8.77 -58.59
C SER D 155 -9.41 -10.28 -58.46
N VAL D 156 -8.34 -10.81 -57.89
CA VAL D 156 -8.22 -12.22 -57.58
C VAL D 156 -8.41 -12.38 -56.09
N VAL D 157 -9.35 -13.22 -55.68
CA VAL D 157 -9.70 -13.32 -54.27
C VAL D 157 -9.23 -14.66 -53.73
N CYS D 158 -8.56 -14.63 -52.58
CA CYS D 158 -8.20 -15.82 -51.85
C CYS D 158 -8.93 -15.82 -50.52
N LEU D 159 -9.66 -16.90 -50.25
CA LEU D 159 -10.47 -17.02 -49.05
C LEU D 159 -9.86 -18.03 -48.09
N LEU D 160 -9.65 -17.62 -46.86
CA LEU D 160 -9.25 -18.53 -45.78
C LEU D 160 -10.45 -18.64 -44.88
N ASN D 161 -11.06 -19.81 -44.78
CA ASN D 161 -12.34 -19.95 -44.11
C ASN D 161 -12.22 -20.72 -42.81
N ASN D 162 -12.78 -20.15 -41.74
CA ASN D 162 -13.07 -20.84 -40.47
C ASN D 162 -11.81 -21.43 -39.84
N PHE D 163 -10.88 -20.55 -39.50
CA PHE D 163 -9.63 -20.97 -38.89
C PHE D 163 -9.47 -20.39 -37.49
N TYR D 164 -8.59 -21.01 -36.72
CA TYR D 164 -8.28 -20.56 -35.37
C TYR D 164 -6.88 -21.08 -35.03
N PRO D 165 -5.98 -20.24 -34.48
CA PRO D 165 -6.18 -18.85 -34.09
C PRO D 165 -6.06 -17.86 -35.24
N ARG D 166 -6.17 -16.58 -34.90
CA ARG D 166 -6.29 -15.53 -35.91
C ARG D 166 -5.04 -15.39 -36.79
N GLU D 167 -3.87 -15.71 -36.25
CA GLU D 167 -2.61 -15.48 -36.97
C GLU D 167 -2.54 -16.33 -38.23
N ALA D 168 -2.36 -15.67 -39.38
CA ALA D 168 -2.19 -16.38 -40.64
C ALA D 168 -1.39 -15.51 -41.59
N LYS D 169 -0.64 -16.15 -42.47
CA LYS D 169 0.15 -15.45 -43.48
C LYS D 169 -0.31 -15.90 -44.86
N VAL D 170 -0.74 -14.94 -45.68
CA VAL D 170 -1.15 -15.18 -47.06
C VAL D 170 -0.12 -14.52 -47.97
N GLN D 171 0.47 -15.30 -48.87
CA GLN D 171 1.41 -14.76 -49.84
C GLN D 171 0.90 -15.00 -51.25
N TRP D 172 0.88 -13.95 -52.06
CA TRP D 172 0.53 -14.09 -53.45
C TRP D 172 1.77 -14.30 -54.29
N LYS D 173 1.66 -15.19 -55.26
CA LYS D 173 2.72 -15.43 -56.23
C LYS D 173 2.09 -15.36 -57.60
N VAL D 174 2.72 -14.60 -58.49
CA VAL D 174 2.26 -14.45 -59.86
C VAL D 174 3.43 -14.87 -60.76
N ASP D 175 3.20 -15.91 -61.56
CA ASP D 175 4.27 -16.55 -62.33
C ASP D 175 5.48 -16.84 -61.46
N ASN D 176 5.22 -17.33 -60.25
CA ASN D 176 6.23 -17.74 -59.27
C ASN D 176 6.97 -16.55 -58.66
N ALA D 177 6.55 -15.33 -58.95
CA ALA D 177 7.14 -14.13 -58.38
C ALA D 177 6.30 -13.69 -57.18
N LEU D 178 6.94 -13.59 -56.02
CA LEU D 178 6.25 -13.16 -54.81
C LEU D 178 5.81 -11.71 -54.94
N GLN D 179 4.53 -11.46 -54.70
CA GLN D 179 3.95 -10.14 -54.85
C GLN D 179 4.06 -9.34 -53.57
N SER D 180 4.17 -8.04 -53.73
CA SER D 180 4.20 -7.12 -52.60
C SER D 180 3.44 -5.85 -52.97
N GLY D 181 2.66 -5.34 -52.02
CA GLY D 181 2.04 -4.04 -52.16
C GLY D 181 0.77 -4.00 -52.97
N ASN D 182 0.39 -5.08 -53.64
CA ASN D 182 -0.79 -5.06 -54.50
C ASN D 182 -1.94 -5.90 -53.96
N SER D 183 -1.96 -6.19 -52.66
CA SER D 183 -3.06 -6.95 -52.10
C SER D 183 -3.54 -6.31 -50.81
N GLN D 184 -4.78 -6.64 -50.43
CA GLN D 184 -5.42 -6.11 -49.23
C GLN D 184 -6.12 -7.28 -48.56
N GLU D 185 -6.03 -7.35 -47.22
CA GLU D 185 -6.67 -8.38 -46.41
C GLU D 185 -7.81 -7.80 -45.59
N SER D 186 -8.84 -8.61 -45.34
CA SER D 186 -9.90 -8.24 -44.44
C SER D 186 -10.25 -9.48 -43.61
N VAL D 187 -10.54 -9.30 -42.31
CA VAL D 187 -10.75 -10.46 -41.43
C VAL D 187 -12.04 -10.26 -40.63
N THR D 188 -12.83 -11.34 -40.50
CA THR D 188 -14.04 -11.21 -39.70
C THR D 188 -13.70 -11.24 -38.22
N GLU D 189 -14.63 -10.76 -37.40
CA GLU D 189 -14.53 -11.02 -35.97
C GLU D 189 -14.81 -12.49 -35.68
N GLN D 190 -14.43 -12.90 -34.47
CA GLN D 190 -14.63 -14.27 -34.03
C GLN D 190 -16.09 -14.68 -34.22
N ASP D 191 -16.30 -15.80 -34.91
CA ASP D 191 -17.66 -16.27 -35.19
C ASP D 191 -18.40 -16.55 -33.89
N SER D 192 -19.65 -16.11 -33.80
CA SER D 192 -20.40 -16.34 -32.57
C SER D 192 -20.73 -17.81 -32.37
N LYS D 193 -20.78 -18.60 -33.43
CA LYS D 193 -21.14 -20.01 -33.26
C LYS D 193 -19.91 -20.89 -33.03
N ASP D 194 -18.84 -20.71 -33.80
CA ASP D 194 -17.72 -21.63 -33.68
C ASP D 194 -16.41 -20.96 -33.33
N SER D 195 -16.42 -19.67 -33.03
CA SER D 195 -15.26 -18.92 -32.54
C SER D 195 -14.09 -18.90 -33.53
N THR D 196 -14.33 -19.17 -34.80
CA THR D 196 -13.26 -19.11 -35.78
C THR D 196 -13.23 -17.72 -36.43
N TYR D 197 -12.21 -17.52 -37.24
CA TYR D 197 -12.05 -16.35 -38.08
C TYR D 197 -12.11 -16.78 -39.53
N SER D 198 -12.43 -15.84 -40.39
CA SER D 198 -12.23 -16.00 -41.82
C SER D 198 -11.54 -14.76 -42.35
N LEU D 199 -10.83 -14.92 -43.46
CA LEU D 199 -10.03 -13.82 -44.00
C LEU D 199 -10.11 -13.88 -45.51
N SER D 200 -10.21 -12.70 -46.12
CA SER D 200 -10.08 -12.56 -47.56
C SER D 200 -8.79 -11.79 -47.85
N SER D 201 -8.04 -12.25 -48.84
CA SER D 201 -6.93 -11.50 -49.40
C SER D 201 -7.21 -11.29 -50.87
N THR D 202 -7.23 -10.04 -51.30
CA THR D 202 -7.61 -9.71 -52.67
C THR D 202 -6.43 -9.08 -53.36
N LEU D 203 -6.00 -9.70 -54.45
CA LEU D 203 -4.95 -9.19 -55.30
C LEU D 203 -5.64 -8.28 -56.31
N THR D 204 -5.38 -6.99 -56.22
CA THR D 204 -6.14 -6.02 -57.00
C THR D 204 -5.24 -5.61 -58.15
N LEU D 205 -5.50 -6.20 -59.31
CA LEU D 205 -4.80 -5.89 -60.54
C LEU D 205 -5.77 -5.23 -61.53
N SER D 206 -5.19 -4.43 -62.41
CA SER D 206 -5.88 -4.03 -63.63
C SER D 206 -5.95 -5.21 -64.58
N LYS D 207 -6.89 -5.14 -65.54
CA LYS D 207 -6.96 -6.21 -66.53
C LYS D 207 -5.67 -6.30 -67.32
N ALA D 208 -5.08 -5.15 -67.64
CA ALA D 208 -3.79 -5.13 -68.32
C ALA D 208 -2.76 -5.91 -67.53
N ASP D 209 -2.53 -5.53 -66.27
CA ASP D 209 -1.54 -6.23 -65.47
C ASP D 209 -1.85 -7.73 -65.38
N TYR D 210 -3.13 -8.08 -65.20
CA TYR D 210 -3.52 -9.48 -65.11
C TYR D 210 -3.19 -10.26 -66.39
N GLU D 211 -3.27 -9.61 -67.54
CA GLU D 211 -2.94 -10.29 -68.78
C GLU D 211 -1.44 -10.44 -68.98
N LYS D 212 -0.63 -9.72 -68.19
CA LYS D 212 0.82 -9.84 -68.25
C LYS D 212 1.37 -11.14 -67.66
N HIS D 213 0.53 -12.04 -67.16
CA HIS D 213 0.99 -13.25 -66.45
C HIS D 213 -0.01 -14.38 -66.56
N LYS D 214 0.44 -15.60 -66.26
CA LYS D 214 -0.37 -16.82 -66.41
C LYS D 214 -0.77 -17.48 -65.08
N VAL D 215 0.17 -17.74 -64.17
CA VAL D 215 -0.11 -18.58 -63.00
C VAL D 215 -0.36 -17.69 -61.77
N TYR D 216 -1.53 -17.86 -61.15
CA TYR D 216 -1.93 -17.10 -59.98
C TYR D 216 -2.08 -18.03 -58.78
N ALA D 217 -1.32 -17.75 -57.72
CA ALA D 217 -1.24 -18.67 -56.59
C ALA D 217 -1.32 -17.90 -55.28
N CYS D 218 -2.14 -18.45 -54.37
CA CYS D 218 -2.32 -17.96 -53.02
C CYS D 218 -1.75 -19.01 -52.08
N GLU D 219 -0.78 -18.65 -51.25
CA GLU D 219 -0.10 -19.58 -50.36
C GLU D 219 -0.36 -19.18 -48.93
N VAL D 220 -0.84 -20.14 -48.13
CA VAL D 220 -1.38 -19.86 -46.81
C VAL D 220 -0.54 -20.60 -45.78
N THR D 221 -0.10 -19.87 -44.75
CA THR D 221 0.61 -20.46 -43.64
C THR D 221 -0.23 -20.29 -42.38
N HIS D 222 -0.43 -21.38 -41.65
CA HIS D 222 -1.24 -21.32 -40.44
C HIS D 222 -0.84 -22.47 -39.54
N GLN D 223 -0.95 -22.23 -38.23
CA GLN D 223 -0.55 -23.21 -37.22
C GLN D 223 -1.25 -24.55 -37.44
N GLY D 224 -2.48 -24.52 -37.92
CA GLY D 224 -3.19 -25.75 -38.15
C GLY D 224 -2.80 -26.53 -39.37
N LEU D 225 -1.87 -26.02 -40.18
CA LEU D 225 -1.44 -26.71 -41.40
C LEU D 225 0.00 -27.19 -41.19
N SER D 226 0.22 -28.49 -41.43
CA SER D 226 1.57 -29.05 -41.24
C SER D 226 2.58 -28.38 -42.15
N SER D 227 2.17 -27.94 -43.33
CA SER D 227 2.99 -27.16 -44.23
C SER D 227 2.08 -26.23 -45.02
N PRO D 228 2.63 -25.16 -45.59
CA PRO D 228 1.77 -24.18 -46.26
C PRO D 228 0.91 -24.80 -47.37
N VAL D 229 -0.32 -24.30 -47.47
CA VAL D 229 -1.26 -24.74 -48.50
C VAL D 229 -1.25 -23.70 -49.62
N THR D 230 -1.20 -24.16 -50.86
CA THR D 230 -1.24 -23.28 -52.03
C THR D 230 -2.43 -23.66 -52.89
N LYS D 231 -3.30 -22.68 -53.16
CA LYS D 231 -4.33 -22.81 -54.17
C LYS D 231 -3.96 -21.93 -55.35
N SER D 232 -4.14 -22.46 -56.57
CA SER D 232 -3.71 -21.71 -57.75
C SER D 232 -4.61 -22.05 -58.94
N PHE D 233 -4.53 -21.18 -59.95
CA PHE D 233 -5.16 -21.42 -61.24
C PHE D 233 -4.28 -20.82 -62.32
N ASN D 234 -4.52 -21.26 -63.56
CA ASN D 234 -3.88 -20.70 -64.75
C ASN D 234 -4.91 -19.83 -65.46
N ARG D 235 -4.51 -18.61 -65.80
CA ARG D 235 -5.44 -17.71 -66.48
C ARG D 235 -5.94 -18.35 -67.77
N GLY D 236 -7.27 -18.35 -67.94
CA GLY D 236 -7.87 -18.91 -69.13
C GLY D 236 -8.21 -20.38 -69.06
N GLU D 237 -7.87 -21.08 -67.98
CA GLU D 237 -8.18 -22.49 -67.87
C GLU D 237 -9.27 -22.75 -66.83
N SER E 26 11.73 26.13 12.97
CA SER E 26 10.80 25.02 12.83
C SER E 26 11.09 23.92 13.86
N GLU E 27 11.82 24.27 14.92
CA GLU E 27 12.09 23.29 15.97
C GLU E 27 10.91 23.21 16.94
N VAL E 28 10.27 22.06 16.97
CA VAL E 28 9.15 21.87 17.87
C VAL E 28 9.71 21.65 19.27
N GLN E 29 9.14 22.35 20.26
CA GLN E 29 9.52 22.19 21.66
C GLN E 29 8.27 22.18 22.52
N LEU E 30 8.27 21.34 23.55
CA LEU E 30 7.23 21.28 24.58
C LEU E 30 7.92 21.32 25.93
N VAL E 31 7.62 22.33 26.73
CA VAL E 31 8.28 22.52 28.02
C VAL E 31 7.24 22.39 29.13
N GLU E 32 7.29 21.28 29.87
CA GLU E 32 6.36 21.07 30.97
C GLU E 32 6.88 21.70 32.26
N SER E 33 5.95 22.20 33.07
CA SER E 33 6.29 22.69 34.40
C SER E 33 5.08 22.49 35.30
N GLY E 34 5.27 22.70 36.60
CA GLY E 34 4.18 22.66 37.55
C GLY E 34 4.15 21.41 38.40
N GLY E 35 4.94 20.40 38.08
CA GLY E 35 4.95 19.20 38.89
C GLY E 35 5.50 19.46 40.29
N GLY E 36 5.24 18.53 41.19
CA GLY E 36 5.76 18.69 42.54
C GLY E 36 5.10 17.69 43.46
N LEU E 37 5.22 17.95 44.75
CA LEU E 37 4.75 17.06 45.81
C LEU E 37 3.48 17.63 46.39
N VAL E 38 2.44 16.80 46.51
CA VAL E 38 1.19 17.27 47.09
C VAL E 38 0.62 16.15 47.95
N GLN E 39 -0.24 16.54 48.89
CA GLN E 39 -0.91 15.58 49.75
C GLN E 39 -2.16 15.02 49.07
N PRO E 40 -2.58 13.81 49.43
CA PRO E 40 -3.84 13.29 48.91
C PRO E 40 -4.98 14.28 49.17
N GLY E 41 -5.79 14.47 48.14
CA GLY E 41 -6.84 15.48 48.18
C GLY E 41 -6.42 16.81 47.59
N GLY E 42 -5.11 17.01 47.39
CA GLY E 42 -4.58 18.29 46.95
C GLY E 42 -4.68 18.50 45.45
N SER E 43 -4.19 19.66 45.02
CA SER E 43 -4.31 20.07 43.62
C SER E 43 -2.96 20.50 43.10
N LEU E 44 -2.79 20.34 41.79
CA LEU E 44 -1.63 20.86 41.09
C LEU E 44 -2.09 21.27 39.70
N ARG E 45 -1.43 22.29 39.15
CA ARG E 45 -1.68 22.70 37.76
C ARG E 45 -0.40 22.51 36.97
N LEU E 46 -0.46 21.67 35.94
CA LEU E 46 0.67 21.48 35.04
C LEU E 46 0.52 22.42 33.85
N SER E 47 1.65 22.89 33.34
CA SER E 47 1.72 23.76 32.17
C SER E 47 2.59 23.10 31.12
N CYS E 48 2.21 23.27 29.85
CA CYS E 48 2.99 22.77 28.73
C CYS E 48 3.17 23.91 27.74
N ALA E 49 4.34 24.55 27.74
CA ALA E 49 4.60 25.71 26.86
C ALA E 49 5.17 25.21 25.55
N ALA E 50 4.46 25.48 24.45
CA ALA E 50 4.83 24.99 23.13
C ALA E 50 5.49 26.09 22.30
N SER E 51 6.50 25.71 21.51
CA SER E 51 7.01 26.58 20.46
C SER E 51 7.33 25.75 19.24
N GLY E 52 7.45 26.41 18.09
CA GLY E 52 7.75 25.75 16.85
C GLY E 52 6.52 25.37 16.04
N PHE E 53 5.33 25.52 16.63
CA PHE E 53 4.06 25.19 15.98
C PHE E 53 2.96 25.92 16.74
N SER E 54 1.80 26.02 16.10
CA SER E 54 0.64 26.64 16.73
C SER E 54 -0.25 25.61 17.42
N LEU E 55 -0.66 25.88 18.67
CA LEU E 55 -1.57 24.97 19.37
C LEU E 55 -2.85 24.74 18.59
N SER E 56 -3.32 25.74 17.84
CA SER E 56 -4.55 25.54 17.07
C SER E 56 -4.36 24.67 15.84
N SER E 57 -3.14 24.26 15.55
CA SER E 57 -2.86 23.29 14.50
C SER E 57 -2.37 21.98 15.12
N SER E 58 -2.98 21.59 16.24
CA SER E 58 -2.55 20.41 16.94
C SER E 58 -3.64 19.87 17.86
N SER E 59 -3.47 18.62 18.24
CA SER E 59 -4.13 18.02 19.38
C SER E 59 -3.06 17.88 20.45
N MET E 60 -3.34 18.36 21.65
CA MET E 60 -2.39 18.34 22.75
C MET E 60 -2.82 17.30 23.78
N HIS E 61 -1.85 16.61 24.39
CA HIS E 61 -2.16 15.46 25.23
C HIS E 61 -1.33 15.51 26.49
N TRP E 62 -1.87 14.89 27.53
CA TRP E 62 -1.11 14.53 28.71
C TRP E 62 -1.13 13.01 28.83
N VAL E 63 0.06 12.42 28.98
CA VAL E 63 0.26 10.99 29.13
C VAL E 63 1.18 10.81 30.31
N ARG E 64 0.85 9.89 31.22
CA ARG E 64 1.65 9.77 32.44
C ARG E 64 2.29 8.41 32.51
N GLN E 65 3.37 8.32 33.29
CA GLN E 65 4.13 7.08 33.42
C GLN E 65 4.50 6.92 34.88
N ALA E 66 3.82 6.01 35.56
CA ALA E 66 4.14 5.74 36.95
C ALA E 66 5.51 5.10 37.05
N PRO E 67 6.20 5.25 38.18
CA PRO E 67 7.59 4.76 38.26
C PRO E 67 7.67 3.27 37.94
N GLY E 68 8.55 2.94 36.99
CA GLY E 68 8.71 1.57 36.52
C GLY E 68 7.53 0.99 35.76
N LYS E 69 6.57 1.81 35.32
CA LYS E 69 5.41 1.28 34.62
C LYS E 69 5.35 1.85 33.20
N GLY E 70 4.24 1.55 32.50
CA GLY E 70 4.07 1.94 31.11
C GLY E 70 3.46 3.32 30.96
N LEU E 71 2.97 3.60 29.77
CA LEU E 71 2.40 4.90 29.44
C LEU E 71 0.88 4.81 29.56
N GLU E 72 0.28 5.81 30.20
CA GLU E 72 -1.17 5.85 30.38
C GLU E 72 -1.68 7.20 29.91
N TRP E 73 -2.54 7.20 28.90
CA TRP E 73 -3.13 8.44 28.44
C TRP E 73 -4.03 9.03 29.53
N VAL E 74 -3.97 10.34 29.69
CA VAL E 74 -4.71 11.07 30.72
C VAL E 74 -5.79 11.96 30.11
N ALA E 75 -5.42 12.79 29.13
CA ALA E 75 -6.37 13.77 28.60
C ALA E 75 -5.86 14.32 27.29
N SER E 76 -6.80 14.75 26.43
CA SER E 76 -6.48 15.38 25.16
C SER E 76 -7.34 16.63 24.94
N ILE E 77 -6.81 17.57 24.17
CA ILE E 77 -7.55 18.78 23.82
C ILE E 77 -7.20 19.19 22.40
N SER E 78 -8.18 19.70 21.68
CA SER E 78 -7.98 20.35 20.40
C SER E 78 -8.20 21.84 20.63
N PRO E 79 -7.14 22.64 20.74
CA PRO E 79 -7.36 24.08 21.02
C PRO E 79 -8.18 24.80 19.95
N TYR E 80 -8.16 24.31 18.70
CA TYR E 80 -8.94 24.97 17.67
C TYR E 80 -10.44 24.92 17.99
N SER E 81 -10.92 23.79 18.45
CA SER E 81 -12.34 23.59 18.71
C SER E 81 -12.69 23.67 20.19
N GLY E 82 -11.71 23.55 21.07
CA GLY E 82 -12.02 23.39 22.48
C GLY E 82 -12.44 22.01 22.89
N SER E 83 -12.53 21.06 21.98
CA SER E 83 -12.97 19.71 22.35
C SER E 83 -11.94 19.05 23.28
N THR E 84 -12.42 18.34 24.29
CA THR E 84 -11.55 17.65 25.25
C THR E 84 -11.99 16.20 25.45
N SER E 85 -11.06 15.36 25.91
CA SER E 85 -11.44 14.01 26.36
C SER E 85 -10.52 13.60 27.49
N TYR E 86 -10.99 12.64 28.29
CA TYR E 86 -10.35 12.29 29.55
C TYR E 86 -10.38 10.79 29.76
N ALA E 87 -9.32 10.28 30.37
CA ALA E 87 -9.37 8.93 30.92
C ALA E 87 -10.46 8.85 31.98
N ASP E 88 -11.17 7.72 32.04
CA ASP E 88 -12.28 7.58 32.99
C ASP E 88 -11.83 7.89 34.41
N SER E 89 -10.61 7.49 34.77
CA SER E 89 -10.15 7.58 36.15
C SER E 89 -9.81 9.00 36.58
N VAL E 90 -9.82 9.97 35.67
CA VAL E 90 -9.57 11.37 36.04
C VAL E 90 -10.76 12.27 35.75
N LYS E 91 -11.84 11.73 35.17
CA LYS E 91 -13.00 12.55 34.86
C LYS E 91 -13.55 13.18 36.12
N GLY E 92 -13.84 14.47 36.02
CA GLY E 92 -14.36 15.24 37.12
C GLY E 92 -13.27 15.82 38.00
N ARG E 93 -12.10 15.18 38.03
CA ARG E 93 -10.98 15.60 38.86
C ARG E 93 -10.03 16.49 38.09
N PHE E 94 -9.76 16.14 36.83
CA PHE E 94 -8.74 16.80 36.00
C PHE E 94 -9.45 17.60 34.92
N THR E 95 -8.90 18.76 34.59
CA THR E 95 -9.39 19.57 33.50
C THR E 95 -8.21 19.94 32.61
N ILE E 96 -8.32 19.65 31.31
CA ILE E 96 -7.30 20.06 30.36
C ILE E 96 -7.80 21.30 29.65
N SER E 97 -6.90 22.26 29.40
CA SER E 97 -7.29 23.52 28.79
C SER E 97 -6.12 24.05 28.00
N ALA E 98 -6.37 25.14 27.28
CA ALA E 98 -5.32 25.72 26.47
C ALA E 98 -5.54 27.21 26.35
N ASP E 99 -4.44 27.94 26.31
CA ASP E 99 -4.44 29.39 26.11
C ASP E 99 -3.66 29.61 24.82
N THR E 100 -4.37 29.83 23.72
CA THR E 100 -3.68 29.99 22.44
C THR E 100 -2.90 31.29 22.38
N SER E 101 -3.30 32.31 23.14
CA SER E 101 -2.52 33.54 23.16
C SER E 101 -1.15 33.33 23.79
N LYS E 102 -0.98 32.28 24.59
CA LYS E 102 0.30 31.93 25.18
C LYS E 102 0.92 30.67 24.56
N ASN E 103 0.21 30.03 23.63
CA ASN E 103 0.61 28.73 23.06
C ASN E 103 0.94 27.71 24.15
N THR E 104 0.10 27.65 25.17
CA THR E 104 0.37 26.81 26.31
C THR E 104 -0.86 25.99 26.64
N ALA E 105 -0.66 24.72 26.94
CA ALA E 105 -1.73 23.84 27.42
C ALA E 105 -1.52 23.58 28.89
N TYR E 106 -2.62 23.24 29.59
CA TYR E 106 -2.60 23.08 31.04
C TYR E 106 -3.33 21.81 31.41
N LEU E 107 -2.94 21.23 32.54
CA LEU E 107 -3.72 20.17 33.17
C LEU E 107 -3.94 20.58 34.61
N GLN E 108 -5.19 20.93 34.94
CA GLN E 108 -5.55 21.22 36.31
C GLN E 108 -5.92 19.91 36.97
N MET E 109 -5.21 19.54 38.02
CA MET E 109 -5.40 18.24 38.67
C MET E 109 -5.91 18.47 40.07
N ASN E 110 -7.15 18.05 40.33
CA ASN E 110 -7.75 18.17 41.65
C ASN E 110 -7.94 16.79 42.25
N SER E 111 -8.23 16.76 43.56
CA SER E 111 -8.44 15.50 44.29
C SER E 111 -7.39 14.46 43.93
N LEU E 112 -6.11 14.85 44.05
CA LEU E 112 -5.02 13.93 43.72
C LEU E 112 -4.90 12.82 44.76
N ARG E 113 -4.46 11.64 44.31
CA ARG E 113 -4.25 10.52 45.22
C ARG E 113 -2.93 9.84 44.84
N ALA E 114 -2.48 8.96 45.74
CA ALA E 114 -1.16 8.36 45.59
C ALA E 114 -0.99 7.69 44.22
N GLU E 115 -2.04 7.05 43.72
CA GLU E 115 -1.92 6.36 42.44
C GLU E 115 -1.75 7.27 41.25
N ASP E 116 -1.90 8.59 41.41
CA ASP E 116 -1.58 9.55 40.36
C ASP E 116 -0.10 9.89 40.28
N THR E 117 0.72 9.38 41.21
CA THR E 117 2.16 9.64 41.18
C THR E 117 2.76 9.11 39.89
N ALA E 118 3.41 9.98 39.13
CA ALA E 118 3.91 9.63 37.81
C ALA E 118 4.69 10.80 37.25
N VAL E 119 5.50 10.51 36.24
CA VAL E 119 5.98 11.57 35.36
C VAL E 119 4.86 11.88 34.37
N TYR E 120 4.53 13.15 34.24
CA TYR E 120 3.49 13.59 33.31
C TYR E 120 4.13 14.20 32.06
N TYR E 121 3.88 13.57 30.91
CA TYR E 121 4.35 14.12 29.65
C TYR E 121 3.24 14.89 28.96
N CYS E 122 3.62 16.02 28.36
CA CYS E 122 2.85 16.71 27.35
C CYS E 122 3.28 16.17 25.99
N ALA E 123 2.32 16.05 25.07
CA ALA E 123 2.63 15.54 23.73
C ALA E 123 1.73 16.22 22.74
N ARG E 124 2.15 16.22 21.48
CA ARG E 124 1.42 16.88 20.41
C ARG E 124 1.13 15.90 19.29
N THR E 125 -0.04 16.05 18.69
CA THR E 125 -0.35 15.48 17.38
C THR E 125 -0.54 16.64 16.42
N LYS E 126 0.24 16.66 15.34
CA LYS E 126 0.11 17.71 14.34
C LYS E 126 -1.22 17.58 13.59
N TYR E 127 -1.89 18.70 13.39
CA TYR E 127 -3.09 18.71 12.56
C TYR E 127 -2.71 18.71 11.08
N HIS E 128 -3.40 17.89 10.29
CA HIS E 128 -3.24 17.89 8.84
C HIS E 128 -4.64 18.06 8.25
N TYR E 129 -4.89 19.21 7.61
CA TYR E 129 -6.23 19.48 7.11
C TYR E 129 -6.65 18.47 6.05
N LYS E 130 -5.67 17.89 5.34
CA LYS E 130 -5.95 16.91 4.30
C LYS E 130 -6.33 15.54 4.86
N ASN E 131 -6.05 15.30 6.14
CA ASN E 131 -6.38 14.02 6.75
C ASN E 131 -7.82 14.07 7.23
N TYR E 132 -8.26 13.00 7.91
CA TYR E 132 -9.64 12.89 8.38
C TYR E 132 -9.78 12.50 9.85
N TYR E 133 -8.70 12.31 10.57
CA TYR E 133 -8.75 12.04 12.00
C TYR E 133 -7.35 12.25 12.54
N TRP E 134 -7.27 12.38 13.85
CA TRP E 134 -5.97 12.56 14.49
C TRP E 134 -5.21 11.25 14.46
N TRP E 135 -3.89 11.33 14.27
CA TRP E 135 -3.04 10.15 14.14
C TRP E 135 -2.28 9.94 15.46
N ALA E 136 -0.97 9.73 15.44
CA ALA E 136 -0.23 9.30 16.62
C ALA E 136 0.29 10.51 17.41
N LEU E 137 1.01 10.24 18.49
CA LEU E 137 1.56 11.32 19.33
C LEU E 137 2.95 11.62 18.80
N ASP E 138 3.07 12.65 17.95
CA ASP E 138 4.29 12.73 17.17
C ASP E 138 5.41 13.54 17.85
N TYR E 139 5.15 14.20 18.98
CA TYR E 139 6.23 14.84 19.71
C TYR E 139 5.87 14.92 21.17
N TRP E 140 6.85 14.61 22.04
CA TRP E 140 6.64 14.52 23.48
C TRP E 140 7.62 15.45 24.18
N GLY E 141 7.15 16.15 25.21
CA GLY E 141 8.01 16.97 26.03
C GLY E 141 8.82 16.13 27.01
N GLN E 142 9.60 16.81 27.85
CA GLN E 142 10.54 16.15 28.75
C GLN E 142 9.87 15.56 30.00
N GLY E 143 8.66 15.96 30.33
CA GLY E 143 8.00 15.35 31.47
C GLY E 143 8.18 16.18 32.73
N THR E 144 7.19 16.12 33.61
CA THR E 144 7.29 16.80 34.90
C THR E 144 6.79 15.81 35.95
N LEU E 145 7.48 15.73 37.08
CA LEU E 145 7.19 14.69 38.05
C LEU E 145 6.14 15.16 39.05
N VAL E 146 5.13 14.32 39.28
CA VAL E 146 4.06 14.58 40.23
C VAL E 146 4.08 13.46 41.27
N THR E 147 4.24 13.83 42.55
CA THR E 147 4.25 12.87 43.64
C THR E 147 3.13 13.23 44.61
N VAL E 148 2.25 12.27 44.89
CA VAL E 148 1.14 12.46 45.81
C VAL E 148 1.36 11.53 46.98
N SER E 149 1.48 12.10 48.18
CA SER E 149 1.78 11.29 49.34
C SER E 149 1.46 12.06 50.61
N SER E 150 0.96 11.35 51.61
CA SER E 150 0.73 11.95 52.91
C SER E 150 1.96 11.88 53.79
N ALA E 151 3.03 11.28 53.30
CA ALA E 151 4.24 11.15 54.12
C ALA E 151 4.85 12.52 54.39
N SER E 152 5.53 12.63 55.54
CA SER E 152 6.22 13.85 55.88
C SER E 152 7.69 13.71 55.49
N THR E 153 8.28 14.83 55.07
CA THR E 153 9.70 14.85 54.74
C THR E 153 10.53 14.31 55.89
N LYS E 154 11.45 13.40 55.57
CA LYS E 154 12.26 12.75 56.59
C LYS E 154 13.57 12.34 55.93
N GLY E 155 14.68 12.67 56.58
CA GLY E 155 15.96 12.21 56.13
C GLY E 155 16.14 10.75 56.46
N PRO E 156 17.03 10.06 55.75
CA PRO E 156 17.18 8.62 55.95
C PRO E 156 17.93 8.27 57.23
N SER E 157 17.64 7.08 57.74
CA SER E 157 18.51 6.44 58.70
C SER E 157 19.48 5.57 57.90
N VAL E 158 20.76 5.66 58.22
CA VAL E 158 21.81 5.01 57.43
C VAL E 158 22.49 3.96 58.30
N PHE E 159 22.44 2.71 57.87
CA PHE E 159 22.98 1.62 58.65
C PHE E 159 24.04 0.86 57.86
N PRO E 160 25.09 0.38 58.50
CA PRO E 160 26.15 -0.33 57.77
C PRO E 160 25.71 -1.72 57.34
N LEU E 161 26.18 -2.13 56.15
CA LEU E 161 26.12 -3.50 55.68
C LEU E 161 27.56 -4.00 55.75
N ALA E 162 27.90 -4.66 56.86
CA ALA E 162 29.31 -4.86 57.16
C ALA E 162 29.84 -6.16 56.57
N PRO E 163 31.08 -6.14 56.07
CA PRO E 163 31.70 -7.40 55.66
C PRO E 163 32.11 -8.23 56.87
N SER E 164 31.93 -9.54 56.75
CA SER E 164 32.37 -10.50 57.75
C SER E 164 33.47 -11.39 57.18
N SER E 165 34.31 -11.94 58.07
CA SER E 165 35.36 -12.86 57.63
C SER E 165 34.76 -14.10 56.95
N LYS E 166 33.60 -14.54 57.44
CA LYS E 166 32.83 -15.62 56.80
C LYS E 166 32.51 -15.35 55.34
N SER E 167 32.48 -14.09 54.90
CA SER E 167 31.81 -13.70 53.67
C SER E 167 32.77 -13.37 52.52
N THR E 168 34.03 -13.77 52.58
CA THR E 168 34.98 -13.45 51.52
C THR E 168 34.88 -14.51 50.41
N SER E 169 34.64 -14.06 49.18
CA SER E 169 34.53 -14.94 48.03
C SER E 169 35.57 -14.54 46.99
N GLY E 170 36.48 -15.45 46.67
CA GLY E 170 37.44 -15.17 45.61
C GLY E 170 38.28 -13.93 45.83
N GLY E 171 38.73 -13.71 47.06
CA GLY E 171 39.51 -12.52 47.34
C GLY E 171 38.75 -11.21 47.37
N THR E 172 37.41 -11.24 47.27
CA THR E 172 36.58 -10.04 47.24
C THR E 172 35.61 -10.03 48.41
N ALA E 173 35.46 -8.86 49.05
CA ALA E 173 34.47 -8.66 50.09
C ALA E 173 33.39 -7.70 49.60
N ALA E 174 32.19 -7.82 50.15
CA ALA E 174 31.11 -6.89 49.86
C ALA E 174 30.74 -6.13 51.13
N LEU E 175 30.46 -4.84 50.96
CA LEU E 175 29.99 -4.04 52.07
C LEU E 175 29.05 -2.99 51.49
N GLY E 176 28.38 -2.26 52.38
CA GLY E 176 27.48 -1.27 51.87
C GLY E 176 26.80 -0.50 52.99
N CYS E 177 25.79 0.25 52.58
CA CYS E 177 25.00 1.08 53.46
C CYS E 177 23.53 0.89 53.11
N LEU E 178 22.73 0.66 54.14
CA LEU E 178 21.28 0.60 54.02
C LEU E 178 20.73 1.98 54.33
N VAL E 179 20.05 2.58 53.37
CA VAL E 179 19.56 3.95 53.45
C VAL E 179 18.04 3.85 53.55
N LYS E 180 17.52 3.93 54.78
CA LYS E 180 16.17 3.46 55.09
C LYS E 180 15.29 4.60 55.57
N ASP E 181 14.03 4.55 55.14
CA ASP E 181 12.95 5.36 55.74
C ASP E 181 13.14 6.86 55.50
N TYR E 182 13.30 7.24 54.24
CA TYR E 182 13.37 8.64 53.89
C TYR E 182 12.20 9.00 53.00
N PHE E 183 11.95 10.31 52.89
CA PHE E 183 10.89 10.80 52.01
C PHE E 183 11.15 12.28 51.79
N PRO E 184 10.97 12.79 50.56
CA PRO E 184 10.64 12.08 49.32
C PRO E 184 11.92 11.63 48.61
N GLU E 185 11.79 11.00 47.45
CA GLU E 185 12.94 10.80 46.58
C GLU E 185 13.51 12.16 46.19
N PRO E 186 14.81 12.23 45.83
CA PRO E 186 15.81 11.16 45.75
C PRO E 186 16.88 11.24 46.83
N VAL E 187 17.63 10.15 47.01
CA VAL E 187 18.90 10.20 47.70
C VAL E 187 20.00 9.91 46.69
N THR E 188 21.16 10.45 46.94
CA THR E 188 22.35 10.08 46.21
C THR E 188 23.35 9.51 47.20
N VAL E 189 24.12 8.54 46.75
CA VAL E 189 25.12 7.88 47.57
C VAL E 189 26.42 7.89 46.80
N SER E 190 27.48 8.33 47.45
CA SER E 190 28.82 8.16 46.94
C SER E 190 29.62 7.36 47.96
N TRP E 191 30.82 6.95 47.56
CA TRP E 191 31.70 6.21 48.45
C TRP E 191 33.04 6.92 48.51
N ASN E 192 33.54 7.10 49.73
CA ASN E 192 34.81 7.79 49.96
C ASN E 192 34.87 9.12 49.21
N SER E 193 33.75 9.85 49.27
CA SER E 193 33.61 11.18 48.66
C SER E 193 33.85 11.16 47.15
N GLY E 194 33.43 10.08 46.49
CA GLY E 194 33.64 9.94 45.07
C GLY E 194 34.96 9.28 44.67
N ALA E 195 35.86 9.01 45.61
CA ALA E 195 37.10 8.34 45.25
C ALA E 195 36.91 6.89 44.90
N LEU E 196 35.80 6.28 45.34
CA LEU E 196 35.54 4.86 45.12
C LEU E 196 34.30 4.75 44.23
N THR E 197 34.50 4.32 42.99
CA THR E 197 33.39 4.25 42.05
C THR E 197 33.28 2.86 41.44
N SER E 198 34.42 2.20 41.29
CA SER E 198 34.45 0.87 40.70
C SER E 198 33.78 -0.15 41.62
N GLY E 199 32.87 -0.94 41.05
CA GLY E 199 32.20 -1.98 41.80
C GLY E 199 31.07 -1.52 42.67
N VAL E 200 30.70 -0.25 42.60
CA VAL E 200 29.57 0.28 43.37
C VAL E 200 28.26 -0.03 42.67
N HIS E 201 27.27 -0.48 43.44
CA HIS E 201 25.90 -0.60 42.93
C HIS E 201 24.97 0.07 43.93
N THR E 202 24.28 1.12 43.51
CA THR E 202 23.26 1.76 44.32
C THR E 202 21.92 1.37 43.75
N PHE E 203 21.14 0.67 44.54
CA PHE E 203 19.92 0.09 43.99
C PHE E 203 18.80 1.12 43.89
N PRO E 204 17.87 0.92 42.95
CA PRO E 204 16.67 1.73 42.93
C PRO E 204 15.95 1.67 44.27
N ALA E 205 15.42 2.81 44.69
CA ALA E 205 14.63 2.87 45.90
C ALA E 205 13.35 2.04 45.75
N VAL E 206 12.90 1.47 46.86
CA VAL E 206 11.58 0.83 46.91
C VAL E 206 10.68 1.65 47.83
N LEU E 207 9.42 1.81 47.42
CA LEU E 207 8.44 2.46 48.27
C LEU E 207 7.88 1.43 49.24
N GLN E 208 8.13 1.65 50.51
CA GLN E 208 7.69 0.70 51.53
C GLN E 208 6.22 0.96 51.83
N SER E 209 5.58 -0.02 52.49
CA SER E 209 4.17 0.13 52.80
C SER E 209 3.92 1.31 53.74
N SER E 210 4.94 1.75 54.47
CA SER E 210 4.86 2.93 55.32
C SER E 210 4.75 4.22 54.52
N GLY E 211 4.95 4.18 53.21
CA GLY E 211 5.05 5.40 52.42
C GLY E 211 6.43 6.03 52.41
N LEU E 212 7.40 5.48 53.13
CA LEU E 212 8.77 5.95 53.09
C LEU E 212 9.58 5.07 52.13
N TYR E 213 10.67 5.64 51.62
CA TYR E 213 11.52 4.92 50.67
C TYR E 213 12.73 4.32 51.39
N SER E 214 13.33 3.31 50.75
CA SER E 214 14.52 2.66 51.29
C SER E 214 15.35 2.13 50.12
N LEU E 215 16.67 2.19 50.26
CA LEU E 215 17.54 1.59 49.27
C LEU E 215 18.85 1.20 49.94
N SER E 216 19.62 0.37 49.25
CA SER E 216 20.95 0.01 49.69
C SER E 216 21.95 0.41 48.61
N SER E 217 23.16 0.76 49.06
CA SER E 217 24.29 0.95 48.16
C SER E 217 25.38 0.00 48.63
N VAL E 218 25.94 -0.77 47.69
CA VAL E 218 26.96 -1.75 48.04
C VAL E 218 28.18 -1.53 47.15
N VAL E 219 29.30 -2.08 47.59
CA VAL E 219 30.50 -2.08 46.78
C VAL E 219 31.26 -3.36 47.11
N THR E 220 31.92 -3.93 46.12
CA THR E 220 32.82 -5.04 46.33
C THR E 220 34.24 -4.53 46.25
N VAL E 221 35.08 -5.01 47.17
CA VAL E 221 36.45 -4.57 47.32
C VAL E 221 37.31 -5.78 47.64
N PRO E 222 38.63 -5.68 47.47
CA PRO E 222 39.50 -6.77 47.89
C PRO E 222 39.39 -6.99 49.39
N SER E 223 39.24 -8.27 49.76
CA SER E 223 39.10 -8.60 51.18
C SER E 223 40.37 -8.30 51.97
N SER E 224 41.54 -8.47 51.36
CA SER E 224 42.78 -8.18 52.07
C SER E 224 42.89 -6.70 52.42
N SER E 225 42.12 -5.83 51.76
CA SER E 225 42.18 -4.41 52.00
C SER E 225 41.47 -3.98 53.28
N LEU E 226 40.66 -4.86 53.87
CA LEU E 226 39.71 -4.39 54.88
C LEU E 226 40.38 -3.80 56.11
N GLY E 227 41.56 -4.29 56.47
CA GLY E 227 42.27 -3.78 57.63
C GLY E 227 43.03 -2.49 57.39
N THR E 228 43.30 -2.15 56.13
CA THR E 228 44.11 -0.99 55.80
C THR E 228 43.41 0.03 54.92
N GLN E 229 42.13 -0.15 54.61
CA GLN E 229 41.33 0.80 53.86
C GLN E 229 40.13 1.23 54.69
N THR E 230 39.69 2.47 54.50
CA THR E 230 38.49 2.99 55.12
C THR E 230 37.41 3.12 54.05
N TYR E 231 36.22 2.61 54.33
CA TYR E 231 35.09 2.69 53.42
C TYR E 231 33.98 3.48 54.09
N ILE E 232 33.61 4.61 53.48
CA ILE E 232 32.61 5.51 54.00
C ILE E 232 31.58 5.77 52.91
N CYS E 233 30.32 5.60 53.22
CA CYS E 233 29.26 5.96 52.28
C CYS E 233 28.78 7.37 52.62
N ASN E 234 28.64 8.21 51.60
CA ASN E 234 28.20 9.59 51.78
C ASN E 234 26.79 9.67 51.22
N VAL E 235 25.82 9.90 52.08
CA VAL E 235 24.41 9.88 51.72
C VAL E 235 23.87 11.31 51.71
N ASN E 236 23.29 11.73 50.58
CA ASN E 236 22.72 13.06 50.43
C ASN E 236 21.23 12.96 50.18
N HIS E 237 20.46 13.71 50.96
CA HIS E 237 19.00 13.81 50.81
C HIS E 237 18.69 15.31 50.82
N LYS E 238 18.66 15.93 49.65
CA LYS E 238 18.43 17.37 49.57
C LYS E 238 17.11 17.82 50.21
N PRO E 239 15.95 17.16 50.03
CA PRO E 239 14.72 17.64 50.68
C PRO E 239 14.85 17.86 52.19
N SER E 240 15.64 17.05 52.89
CA SER E 240 15.84 17.27 54.31
C SER E 240 17.16 17.95 54.59
N ASN E 241 17.87 18.40 53.55
CA ASN E 241 19.15 19.09 53.72
C ASN E 241 20.14 18.24 54.52
N THR E 242 20.13 16.92 54.31
CA THR E 242 20.96 16.01 55.07
C THR E 242 22.15 15.56 54.24
N LYS E 243 23.32 15.59 54.84
CA LYS E 243 24.49 14.90 54.31
C LYS E 243 25.06 14.09 55.46
N VAL E 244 25.12 12.78 55.29
CA VAL E 244 25.53 11.86 56.33
C VAL E 244 26.67 11.02 55.80
N ASP E 245 27.74 10.90 56.57
CA ASP E 245 28.83 9.97 56.27
C ASP E 245 28.81 8.84 57.29
N LYS E 246 28.79 7.60 56.80
CA LYS E 246 28.83 6.42 57.66
C LYS E 246 30.06 5.60 57.30
N LYS E 247 30.94 5.41 58.27
CA LYS E 247 32.08 4.50 58.11
C LYS E 247 31.59 3.07 58.27
N VAL E 248 31.92 2.23 57.30
CA VAL E 248 31.51 0.82 57.34
C VAL E 248 32.75 -0.02 57.61
N GLU E 249 32.80 -0.66 58.77
CA GLU E 249 33.98 -1.43 59.06
C GLU E 249 33.62 -2.87 59.39
N PRO E 250 34.53 -3.82 59.16
CA PRO E 250 34.24 -5.21 59.48
C PRO E 250 34.09 -5.41 60.98
N LYS E 251 33.24 -6.37 61.34
CA LYS E 251 33.05 -6.77 62.73
C LYS E 251 33.97 -7.95 63.03
N SER E 252 34.51 -7.99 64.25
CA SER E 252 35.43 -9.02 64.69
C SER E 252 34.71 -10.08 65.51
N CYS E 253 34.87 -11.35 65.13
CA CYS E 253 34.24 -12.52 65.75
C CYS E 253 32.79 -12.27 66.18
N SER F 24 -16.27 0.34 25.61
CA SER F 24 -15.44 -0.86 25.53
C SER F 24 -14.13 -0.52 24.83
N ASP F 25 -13.05 -0.58 25.60
CA ASP F 25 -11.75 -0.17 25.13
C ASP F 25 -11.07 -1.33 24.41
N ILE F 26 -10.05 -1.00 23.62
CA ILE F 26 -9.24 -2.01 22.95
C ILE F 26 -7.93 -2.10 23.70
N GLN F 27 -7.57 -3.30 24.13
CA GLN F 27 -6.33 -3.52 24.86
C GLN F 27 -5.21 -3.86 23.88
N MET F 28 -4.00 -3.44 24.22
CA MET F 28 -2.80 -3.77 23.46
C MET F 28 -1.86 -4.56 24.35
N THR F 29 -1.55 -5.80 23.95
CA THR F 29 -0.75 -6.72 24.75
C THR F 29 0.59 -6.95 24.08
N GLN F 30 1.66 -6.54 24.74
CA GLN F 30 2.99 -6.66 24.18
C GLN F 30 3.72 -7.82 24.81
N SER F 31 4.46 -8.55 23.97
CA SER F 31 5.32 -9.63 24.41
C SER F 31 6.55 -9.66 23.53
N PRO F 32 7.71 -10.08 24.08
CA PRO F 32 7.92 -10.40 25.50
C PRO F 32 8.13 -9.11 26.27
N SER F 33 8.13 -9.16 27.60
CA SER F 33 8.39 -7.95 28.38
C SER F 33 9.80 -7.45 28.17
N SER F 34 10.74 -8.37 27.92
CA SER F 34 12.10 -7.94 27.58
C SER F 34 12.74 -9.02 26.73
N LEU F 35 13.77 -8.62 26.00
CA LEU F 35 14.52 -9.57 25.21
C LEU F 35 15.96 -9.09 25.10
N SER F 36 16.89 -10.04 25.04
CA SER F 36 18.29 -9.72 24.89
C SER F 36 18.74 -9.96 23.46
N ALA F 37 19.55 -9.04 22.95
CA ALA F 37 20.09 -9.16 21.60
C ALA F 37 21.45 -8.50 21.59
N SER F 38 22.18 -8.71 20.49
CA SER F 38 23.48 -8.10 20.26
C SER F 38 23.42 -7.16 19.06
N VAL F 39 24.36 -6.21 19.03
CA VAL F 39 24.46 -5.31 17.90
C VAL F 39 24.53 -6.12 16.62
N GLY F 40 23.74 -5.72 15.62
CA GLY F 40 23.71 -6.43 14.37
C GLY F 40 22.63 -7.49 14.24
N ASP F 41 22.01 -7.90 15.35
CA ASP F 41 20.92 -8.86 15.30
C ASP F 41 19.68 -8.24 14.66
N ARG F 42 18.84 -9.12 14.09
CA ARG F 42 17.49 -8.75 13.70
C ARG F 42 16.55 -8.96 14.89
N VAL F 43 15.83 -7.91 15.29
CA VAL F 43 14.99 -7.94 16.49
C VAL F 43 13.55 -7.72 16.06
N THR F 44 12.64 -8.54 16.60
CA THR F 44 11.23 -8.34 16.34
C THR F 44 10.47 -8.26 17.66
N ILE F 45 9.58 -7.30 17.75
CA ILE F 45 8.76 -7.06 18.92
C ILE F 45 7.30 -7.11 18.48
N THR F 46 6.46 -7.78 19.26
CA THR F 46 5.09 -8.01 18.85
C THR F 46 4.11 -7.39 19.82
N CYS F 47 2.93 -7.12 19.29
CA CYS F 47 1.90 -6.43 20.04
C CYS F 47 0.57 -6.91 19.48
N ARG F 48 -0.29 -7.45 20.33
CA ARG F 48 -1.56 -8.00 19.89
C ARG F 48 -2.69 -7.12 20.38
N ALA F 49 -3.52 -6.66 19.45
CA ALA F 49 -4.72 -5.90 19.80
C ALA F 49 -5.80 -6.86 20.23
N SER F 50 -6.58 -6.47 21.25
CA SER F 50 -7.64 -7.36 21.72
C SER F 50 -8.75 -7.55 20.69
N GLN F 51 -8.87 -6.63 19.73
CA GLN F 51 -9.77 -6.76 18.60
C GLN F 51 -9.21 -5.89 17.49
N SER F 52 -9.85 -5.90 16.32
CA SER F 52 -9.25 -5.27 15.16
C SER F 52 -9.08 -3.78 15.36
N VAL F 53 -7.90 -3.27 14.99
CA VAL F 53 -7.62 -1.84 14.97
C VAL F 53 -7.31 -1.37 13.56
N TYR F 54 -7.60 -2.21 12.57
CA TYR F 54 -7.26 -1.96 11.15
C TYR F 54 -5.74 -1.74 11.10
N TYR F 55 -5.27 -0.57 10.66
CA TYR F 55 -3.83 -0.35 10.65
C TYR F 55 -3.44 0.77 11.61
N SER F 56 -4.32 1.17 12.50
CA SER F 56 -4.11 2.38 13.30
C SER F 56 -3.29 2.04 14.54
N VAL F 57 -2.02 1.72 14.31
CA VAL F 57 -1.09 1.36 15.37
C VAL F 57 0.17 2.19 15.20
N ALA F 58 0.69 2.67 16.31
CA ALA F 58 1.93 3.42 16.34
C ALA F 58 2.93 2.70 17.23
N TRP F 59 4.22 2.95 16.97
CA TRP F 59 5.30 2.40 17.77
C TRP F 59 6.18 3.52 18.27
N TYR F 60 6.52 3.48 19.56
CA TYR F 60 7.36 4.48 20.21
C TYR F 60 8.60 3.84 20.80
N GLN F 61 9.68 4.61 20.86
CA GLN F 61 10.90 4.21 21.54
C GLN F 61 11.10 5.11 22.74
N GLN F 62 11.47 4.53 23.88
CA GLN F 62 11.74 5.35 25.05
C GLN F 62 13.01 4.86 25.74
N LYS F 63 13.94 5.78 25.95
CA LYS F 63 15.13 5.54 26.72
C LYS F 63 14.97 6.01 28.16
N PRO F 64 15.72 5.41 29.10
CA PRO F 64 15.49 5.73 30.53
C PRO F 64 15.66 7.20 30.80
N GLY F 65 14.70 7.75 31.55
CA GLY F 65 14.68 9.15 31.91
C GLY F 65 14.34 10.10 30.79
N LYS F 66 13.88 9.58 29.65
CA LYS F 66 13.63 10.39 28.47
C LYS F 66 12.20 10.19 28.00
N ALA F 67 11.75 11.13 27.18
CA ALA F 67 10.42 11.08 26.60
C ALA F 67 10.39 10.12 25.43
N PRO F 68 9.26 9.49 25.19
CA PRO F 68 9.12 8.63 24.02
C PRO F 68 9.30 9.42 22.74
N LYS F 69 9.74 8.71 21.70
CA LYS F 69 9.84 9.23 20.35
C LYS F 69 9.02 8.33 19.42
N LEU F 70 8.28 8.94 18.51
CA LEU F 70 7.49 8.18 17.54
C LEU F 70 8.40 7.58 16.45
N LEU F 71 8.25 6.28 16.21
CA LEU F 71 8.99 5.58 15.15
C LEU F 71 8.14 5.29 13.94
N ILE F 72 6.97 4.72 14.16
CA ILE F 72 6.11 4.18 13.10
C ILE F 72 4.67 4.57 13.41
N TYR F 73 3.92 4.93 12.38
CA TYR F 73 2.49 5.14 12.52
C TYR F 73 1.77 4.40 11.39
N SER F 74 0.46 4.22 11.55
CA SER F 74 -0.35 3.50 10.57
C SER F 74 0.26 2.12 10.27
N ALA F 75 0.77 1.47 11.32
CA ALA F 75 1.31 0.11 11.33
C ALA F 75 2.69 -0.02 10.70
N SER F 76 2.95 0.68 9.59
CA SER F 76 4.15 0.40 8.82
C SER F 76 4.81 1.63 8.25
N TYR F 77 4.29 2.83 8.50
CA TYR F 77 4.81 4.03 7.88
C TYR F 77 5.86 4.63 8.80
N LEU F 78 7.05 4.87 8.26
CA LEU F 78 8.15 5.40 9.04
C LEU F 78 7.93 6.88 9.29
N TYR F 79 8.04 7.31 10.55
CA TYR F 79 7.91 8.73 10.84
C TYR F 79 9.17 9.46 10.37
N SER F 80 9.02 10.76 10.06
CA SER F 80 10.13 11.56 9.52
C SER F 80 11.37 11.44 10.38
N GLY F 81 12.50 11.16 9.73
CA GLY F 81 13.79 11.13 10.39
C GLY F 81 14.12 9.83 11.07
N VAL F 82 13.22 8.86 11.10
CA VAL F 82 13.47 7.58 11.74
C VAL F 82 14.28 6.70 10.79
N PRO F 83 15.34 6.04 11.27
CA PRO F 83 16.18 5.24 10.36
C PRO F 83 15.45 4.06 9.76
N SER F 84 15.84 3.73 8.54
CA SER F 84 15.12 2.72 7.77
C SER F 84 15.30 1.30 8.30
N ARG F 85 16.17 1.08 9.29
CA ARG F 85 16.26 -0.26 9.87
C ARG F 85 15.02 -0.59 10.70
N PHE F 86 14.23 0.40 11.08
CA PHE F 86 12.95 0.16 11.73
C PHE F 86 11.87 -0.08 10.69
N SER F 87 11.02 -1.07 10.92
CA SER F 87 9.89 -1.33 10.05
C SER F 87 8.75 -1.92 10.87
N GLY F 88 7.56 -1.86 10.32
CA GLY F 88 6.39 -2.36 11.03
C GLY F 88 5.52 -3.16 10.10
N SER F 89 4.79 -4.11 10.68
CA SER F 89 3.94 -4.96 9.86
C SER F 89 2.73 -5.37 10.67
N ARG F 90 1.72 -5.84 9.97
CA ARG F 90 0.49 -6.30 10.59
C ARG F 90 0.13 -7.66 10.03
N SER F 91 -0.31 -8.55 10.92
CA SER F 91 -0.98 -9.79 10.56
C SER F 91 -2.20 -9.93 11.46
N GLY F 92 -3.37 -9.58 10.94
CA GLY F 92 -4.57 -9.61 11.73
C GLY F 92 -4.50 -8.60 12.86
N THR F 93 -4.61 -9.07 14.10
CA THR F 93 -4.47 -8.22 15.27
C THR F 93 -3.07 -8.21 15.83
N ASP F 94 -2.15 -8.94 15.20
CA ASP F 94 -0.77 -8.97 15.66
C ASP F 94 0.05 -7.95 14.87
N PHE F 95 0.71 -7.06 15.58
CA PHE F 95 1.54 -6.02 14.99
C PHE F 95 2.98 -6.24 15.42
N THR F 96 3.89 -6.06 14.46
CA THR F 96 5.29 -6.33 14.72
C THR F 96 6.15 -5.11 14.38
N LEU F 97 7.07 -4.79 15.27
CA LEU F 97 8.15 -3.87 14.99
C LEU F 97 9.40 -4.68 14.79
N THR F 98 10.10 -4.46 13.67
CA THR F 98 11.32 -5.16 13.35
C THR F 98 12.47 -4.16 13.25
N ILE F 99 13.57 -4.46 13.91
CA ILE F 99 14.83 -3.73 13.70
C ILE F 99 15.75 -4.66 12.94
N SER F 100 16.12 -4.27 11.72
CA SER F 100 16.76 -5.23 10.82
C SER F 100 18.18 -5.55 11.25
N SER F 101 18.90 -4.56 11.76
CA SER F 101 20.25 -4.74 12.30
C SER F 101 20.39 -3.83 13.50
N LEU F 102 20.29 -4.39 14.69
CA LEU F 102 20.27 -3.61 15.91
C LEU F 102 21.56 -2.80 16.04
N GLN F 103 21.42 -1.52 16.38
CA GLN F 103 22.52 -0.61 16.64
C GLN F 103 22.64 -0.33 18.12
N PRO F 104 23.79 0.14 18.60
CA PRO F 104 23.94 0.37 20.04
C PRO F 104 22.95 1.39 20.61
N GLU F 105 22.54 2.38 19.82
CA GLU F 105 21.54 3.33 20.30
C GLU F 105 20.12 2.77 20.30
N ASP F 106 19.93 1.51 19.92
CA ASP F 106 18.60 0.92 19.87
C ASP F 106 18.22 0.16 21.14
N PHE F 107 19.14 -0.06 22.06
CA PHE F 107 18.76 -0.66 23.33
C PHE F 107 17.91 0.34 24.10
N ALA F 108 16.65 -0.03 24.32
CA ALA F 108 15.62 0.89 24.78
C ALA F 108 14.35 0.10 25.02
N THR F 109 13.30 0.78 25.47
CA THR F 109 11.99 0.15 25.57
C THR F 109 11.10 0.64 24.44
N TYR F 110 10.31 -0.27 23.89
CA TYR F 110 9.46 0.01 22.74
C TYR F 110 8.00 -0.21 23.13
N TYR F 111 7.15 0.73 22.76
CA TYR F 111 5.73 0.67 23.11
C TYR F 111 4.90 0.69 21.84
N CYS F 112 3.86 -0.13 21.79
CA CYS F 112 2.86 -0.02 20.74
C CYS F 112 1.66 0.74 21.30
N GLN F 113 0.85 1.27 20.40
CA GLN F 113 -0.31 2.06 20.80
C GLN F 113 -1.32 1.93 19.68
N GLN F 114 -2.59 1.78 20.02
CA GLN F 114 -3.63 1.85 18.99
C GLN F 114 -4.36 3.18 19.06
N TYR F 115 -4.82 3.65 17.90
CA TYR F 115 -5.65 4.84 17.83
C TYR F 115 -6.83 4.60 16.90
N ARG F 116 -7.22 3.33 16.71
CA ARG F 116 -8.45 3.03 15.98
C ARG F 116 -9.67 3.55 16.73
N ARG F 117 -9.65 3.49 18.05
CA ARG F 117 -10.83 3.80 18.84
C ARG F 117 -10.40 4.49 20.12
N ARG F 118 -11.12 5.51 20.49
CA ARG F 118 -10.78 6.19 21.73
C ARG F 118 -11.40 5.44 22.91
N PRO F 119 -10.73 5.44 24.07
CA PRO F 119 -9.44 6.05 24.40
C PRO F 119 -8.26 5.35 23.75
N ILE F 120 -7.20 6.09 23.42
CA ILE F 120 -6.01 5.41 22.95
C ILE F 120 -5.45 4.54 24.07
N THR F 121 -4.83 3.43 23.70
CA THR F 121 -4.31 2.49 24.69
C THR F 121 -2.93 2.03 24.24
N PHE F 122 -2.06 1.75 25.22
CA PHE F 122 -0.68 1.39 24.96
C PHE F 122 -0.43 -0.05 25.41
N GLY F 123 0.50 -0.72 24.71
CA GLY F 123 1.06 -1.95 25.26
C GLY F 123 1.97 -1.64 26.43
N GLN F 124 2.34 -2.68 27.18
CA GLN F 124 3.12 -2.47 28.39
C GLN F 124 4.61 -2.32 28.12
N GLY F 125 5.03 -2.47 26.88
CA GLY F 125 6.42 -2.20 26.58
C GLY F 125 7.24 -3.46 26.44
N THR F 126 8.29 -3.38 25.62
CA THR F 126 9.30 -4.42 25.50
C THR F 126 10.66 -3.76 25.63
N LYS F 127 11.43 -4.18 26.62
CA LYS F 127 12.78 -3.65 26.80
C LYS F 127 13.76 -4.51 26.01
N VAL F 128 14.51 -3.90 25.11
CA VAL F 128 15.58 -4.60 24.40
C VAL F 128 16.87 -4.38 25.18
N GLU F 129 17.44 -5.47 25.69
CA GLU F 129 18.62 -5.41 26.54
C GLU F 129 19.79 -6.08 25.83
N ILE F 130 20.99 -5.90 26.40
CA ILE F 130 22.24 -6.32 25.76
C ILE F 130 22.57 -7.76 26.12
N LYS F 131 22.79 -8.59 25.11
CA LYS F 131 23.15 -9.97 25.39
C LYS F 131 24.62 -10.05 25.78
N ARG F 132 24.92 -10.91 26.75
CA ARG F 132 26.30 -11.23 27.06
C ARG F 132 26.37 -12.67 27.56
N THR F 133 27.57 -13.09 27.91
CA THR F 133 27.79 -14.44 28.39
C THR F 133 27.17 -14.61 29.77
N VAL F 134 26.73 -15.84 30.07
CA VAL F 134 26.12 -16.10 31.36
C VAL F 134 27.13 -15.82 32.47
N ALA F 135 26.65 -15.23 33.56
CA ALA F 135 27.49 -14.93 34.72
C ALA F 135 26.71 -15.23 35.99
N ALA F 136 27.24 -16.15 36.81
CA ALA F 136 26.60 -16.47 38.08
C ALA F 136 26.76 -15.29 39.05
N PRO F 137 25.77 -15.07 39.92
CA PRO F 137 25.92 -14.03 40.93
C PRO F 137 26.90 -14.47 42.01
N SER F 138 27.62 -13.50 42.54
CA SER F 138 28.28 -13.64 43.82
C SER F 138 27.27 -13.20 44.88
N VAL F 139 27.08 -14.01 45.91
CA VAL F 139 25.99 -13.80 46.85
C VAL F 139 26.57 -13.43 48.21
N PHE F 140 25.93 -12.46 48.87
CA PHE F 140 26.38 -12.01 50.18
C PHE F 140 25.15 -11.77 51.03
N ILE F 141 25.22 -12.13 52.32
CA ILE F 141 24.14 -11.84 53.25
C ILE F 141 24.65 -10.93 54.35
N PHE F 142 23.81 -9.98 54.76
CA PHE F 142 24.15 -9.00 55.79
C PHE F 142 23.15 -9.07 56.93
N PRO F 143 23.57 -9.37 58.16
CA PRO F 143 22.67 -9.25 59.30
C PRO F 143 22.29 -7.80 59.52
N PRO F 144 21.20 -7.53 60.22
CA PRO F 144 20.91 -6.15 60.61
C PRO F 144 22.00 -5.63 61.53
N SER F 145 22.30 -4.34 61.41
CA SER F 145 23.23 -3.68 62.31
C SER F 145 22.64 -3.56 63.70
N ASP F 146 23.53 -3.51 64.70
CA ASP F 146 23.08 -3.21 66.05
C ASP F 146 22.44 -1.83 66.13
N GLU F 147 22.95 -0.88 65.34
CA GLU F 147 22.32 0.44 65.26
C GLU F 147 20.84 0.33 64.89
N GLN F 148 20.53 -0.49 63.89
CA GLN F 148 19.13 -0.61 63.48
C GLN F 148 18.30 -1.34 64.53
N LEU F 149 18.84 -2.41 65.10
CA LEU F 149 18.13 -3.14 66.14
C LEU F 149 17.70 -2.22 67.27
N LYS F 150 18.60 -1.32 67.68
CA LYS F 150 18.28 -0.36 68.72
C LYS F 150 17.07 0.49 68.38
N SER F 151 16.83 0.74 67.09
CA SER F 151 15.70 1.58 66.72
C SER F 151 14.39 0.81 66.63
N GLY F 152 14.45 -0.52 66.64
CA GLY F 152 13.27 -1.35 66.70
C GLY F 152 13.00 -2.20 65.48
N THR F 153 13.84 -2.11 64.44
CA THR F 153 13.64 -2.85 63.20
C THR F 153 14.89 -3.66 62.88
N ALA F 154 14.72 -4.67 62.01
CA ALA F 154 15.80 -5.56 61.61
C ALA F 154 15.64 -5.81 60.12
N SER F 155 16.44 -5.12 59.30
CA SER F 155 16.49 -5.42 57.88
C SER F 155 17.63 -6.40 57.63
N VAL F 156 17.32 -7.52 56.98
CA VAL F 156 18.35 -8.48 56.55
C VAL F 156 18.49 -8.34 55.04
N VAL F 157 19.71 -8.09 54.57
CA VAL F 157 19.95 -7.81 53.16
C VAL F 157 20.72 -8.98 52.55
N CYS F 158 20.23 -9.43 51.39
CA CYS F 158 20.91 -10.42 50.56
C CYS F 158 21.27 -9.78 49.23
N LEU F 159 22.54 -9.86 48.86
CA LEU F 159 23.08 -9.20 47.66
C LEU F 159 23.43 -10.24 46.60
N LEU F 160 22.94 -10.02 45.39
CA LEU F 160 23.36 -10.80 44.22
C LEU F 160 24.12 -9.86 43.30
N ASN F 161 25.41 -10.11 43.12
CA ASN F 161 26.29 -9.15 42.46
C ASN F 161 26.73 -9.65 41.09
N ASN F 162 26.53 -8.81 40.06
CA ASN F 162 27.11 -8.95 38.73
C ASN F 162 26.74 -10.29 38.08
N PHE F 163 25.44 -10.49 37.86
CA PHE F 163 24.99 -11.73 37.25
C PHE F 163 24.28 -11.45 35.92
N TYR F 164 24.18 -12.49 35.11
CA TYR F 164 23.50 -12.43 33.82
C TYR F 164 23.10 -13.86 33.47
N PRO F 165 21.87 -14.10 33.00
CA PRO F 165 20.82 -13.12 32.74
C PRO F 165 20.06 -12.67 33.98
N ARG F 166 19.04 -11.84 33.75
CA ARG F 166 18.32 -11.16 34.83
C ARG F 166 17.55 -12.14 35.70
N GLU F 167 17.08 -13.23 35.13
CA GLU F 167 16.21 -14.14 35.87
C GLU F 167 16.94 -14.76 37.03
N ALA F 168 16.41 -14.58 38.23
CA ALA F 168 16.96 -15.21 39.42
C ALA F 168 15.85 -15.36 40.44
N LYS F 169 15.96 -16.37 41.29
CA LYS F 169 15.00 -16.61 42.36
C LYS F 169 15.72 -16.52 43.69
N VAL F 170 15.26 -15.60 44.54
CA VAL F 170 15.83 -15.40 45.87
C VAL F 170 14.78 -15.82 46.88
N GLN F 171 15.15 -16.78 47.75
CA GLN F 171 14.24 -17.28 48.76
C GLN F 171 14.82 -17.03 50.15
N TRP F 172 14.01 -16.44 51.03
CA TRP F 172 14.40 -16.28 52.42
C TRP F 172 13.90 -17.45 53.25
N LYS F 173 14.75 -17.92 54.16
CA LYS F 173 14.39 -18.97 55.11
C LYS F 173 14.81 -18.51 56.49
N VAL F 174 13.90 -18.60 57.46
CA VAL F 174 14.18 -18.24 58.84
C VAL F 174 13.93 -19.47 59.70
N ASP F 175 14.99 -19.95 60.36
CA ASP F 175 14.94 -21.22 61.07
C ASP F 175 14.33 -22.29 60.17
N ASN F 176 14.76 -22.31 58.91
CA ASN F 176 14.37 -23.27 57.88
C ASN F 176 12.94 -23.06 57.40
N ALA F 177 12.27 -21.99 57.84
CA ALA F 177 10.91 -21.70 57.40
C ALA F 177 10.95 -20.72 56.24
N LEU F 178 10.35 -21.12 55.12
CA LEU F 178 10.30 -20.27 53.93
C LEU F 178 9.46 -19.04 54.21
N GLN F 179 10.02 -17.87 53.90
CA GLN F 179 9.35 -16.60 54.13
C GLN F 179 8.57 -16.16 52.90
N SER F 180 7.45 -15.49 53.14
CA SER F 180 6.64 -14.94 52.07
C SER F 180 6.03 -13.62 52.52
N GLY F 181 6.03 -12.63 51.63
CA GLY F 181 5.34 -11.37 51.87
C GLY F 181 6.10 -10.34 52.66
N ASN F 182 7.24 -10.70 53.27
CA ASN F 182 7.98 -9.77 54.11
C ASN F 182 9.33 -9.37 53.51
N SER F 183 9.50 -9.49 52.21
CA SER F 183 10.73 -9.09 51.56
C SER F 183 10.43 -8.28 50.31
N GLN F 184 11.41 -7.48 49.88
CA GLN F 184 11.31 -6.63 48.70
C GLN F 184 12.62 -6.72 47.93
N GLU F 185 12.51 -6.76 46.60
CA GLU F 185 13.67 -6.85 45.72
C GLU F 185 13.83 -5.55 44.96
N SER F 186 15.09 -5.21 44.67
CA SER F 186 15.42 -4.09 43.82
C SER F 186 16.55 -4.54 42.90
N VAL F 187 16.48 -4.18 41.63
CA VAL F 187 17.44 -4.68 40.64
C VAL F 187 17.99 -3.50 39.86
N THR F 188 19.30 -3.50 39.61
CA THR F 188 19.87 -2.41 38.85
C THR F 188 19.56 -2.60 37.37
N GLU F 189 19.69 -1.51 36.62
CA GLU F 189 19.72 -1.61 35.18
C GLU F 189 21.05 -2.25 34.78
N GLN F 190 21.11 -2.73 33.55
CA GLN F 190 22.33 -3.38 33.06
C GLN F 190 23.54 -2.48 33.23
N ASP F 191 24.59 -3.04 33.83
CA ASP F 191 25.79 -2.26 34.06
C ASP F 191 26.30 -1.71 32.73
N SER F 192 26.69 -0.44 32.75
CA SER F 192 27.16 0.21 31.52
C SER F 192 28.45 -0.38 31.02
N LYS F 193 29.25 -0.99 31.88
CA LYS F 193 30.52 -1.57 31.48
C LYS F 193 30.45 -3.06 31.16
N ASP F 194 29.83 -3.88 32.01
CA ASP F 194 29.88 -5.33 31.79
C ASP F 194 28.52 -5.96 31.55
N SER F 195 27.46 -5.17 31.44
CA SER F 195 26.12 -5.64 31.05
C SER F 195 25.52 -6.60 32.07
N THR F 196 25.99 -6.64 33.30
CA THR F 196 25.35 -7.52 34.27
C THR F 196 24.29 -6.76 35.05
N TYR F 197 23.57 -7.52 35.86
CA TYR F 197 22.60 -7.02 36.84
C TYR F 197 23.15 -7.28 38.23
N SER F 198 22.68 -6.50 39.18
CA SER F 198 22.86 -6.80 40.60
C SER F 198 21.49 -6.63 41.25
N LEU F 199 21.30 -7.33 42.35
CA LEU F 199 19.97 -7.35 42.95
C LEU F 199 20.12 -7.39 44.46
N SER F 200 19.25 -6.65 45.14
CA SER F 200 19.12 -6.74 46.58
C SER F 200 17.75 -7.32 46.92
N SER F 201 17.72 -8.23 47.88
CA SER F 201 16.47 -8.67 48.49
C SER F 201 16.58 -8.33 49.96
N THR F 202 15.62 -7.58 50.48
CA THR F 202 15.67 -7.10 51.86
C THR F 202 14.52 -7.71 52.63
N LEU F 203 14.86 -8.46 53.68
CA LEU F 203 13.89 -9.05 54.60
C LEU F 203 13.73 -8.11 55.79
N THR F 204 12.52 -7.62 56.01
CA THR F 204 12.26 -6.63 57.07
C THR F 204 11.43 -7.27 58.17
N LEU F 205 12.02 -7.46 59.33
CA LEU F 205 11.31 -7.93 60.51
C LEU F 205 11.34 -6.85 61.59
N SER F 206 10.37 -6.93 62.49
CA SER F 206 10.49 -6.18 63.74
C SER F 206 11.64 -6.75 64.56
N LYS F 207 12.16 -5.95 65.49
CA LYS F 207 13.20 -6.47 66.36
C LYS F 207 12.69 -7.66 67.15
N ALA F 208 11.44 -7.58 67.63
CA ALA F 208 10.83 -8.69 68.35
C ALA F 208 10.90 -9.99 67.55
N ASP F 209 10.37 -9.96 66.32
CA ASP F 209 10.38 -11.16 65.49
C ASP F 209 11.79 -11.64 65.20
N TYR F 210 12.70 -10.71 64.89
CA TYR F 210 14.07 -11.10 64.58
C TYR F 210 14.74 -11.84 65.73
N GLU F 211 14.42 -11.47 66.97
CA GLU F 211 15.01 -12.15 68.13
C GLU F 211 14.36 -13.49 68.41
N LYS F 212 13.20 -13.78 67.82
CA LYS F 212 12.56 -15.07 67.99
C LYS F 212 13.24 -16.20 67.23
N HIS F 213 14.32 -15.95 66.50
CA HIS F 213 14.82 -16.98 65.60
C HIS F 213 16.34 -16.88 65.49
N LYS F 214 16.97 -17.97 65.05
CA LYS F 214 18.42 -18.01 65.00
C LYS F 214 18.97 -17.96 63.58
N VAL F 215 18.51 -18.83 62.68
CA VAL F 215 19.16 -19.02 61.39
C VAL F 215 18.46 -18.19 60.34
N TYR F 216 19.22 -17.31 59.69
CA TYR F 216 18.71 -16.46 58.62
C TYR F 216 19.44 -16.83 57.35
N ALA F 217 18.69 -17.23 56.33
CA ALA F 217 19.29 -17.81 55.12
C ALA F 217 18.65 -17.23 53.88
N CYS F 218 19.51 -16.89 52.92
CA CYS F 218 19.14 -16.42 51.60
C CYS F 218 19.58 -17.48 50.60
N GLU F 219 18.65 -18.00 49.80
CA GLU F 219 18.94 -19.06 48.86
C GLU F 219 18.68 -18.57 47.44
N VAL F 220 19.67 -18.72 46.57
CA VAL F 220 19.68 -18.08 45.26
C VAL F 220 19.72 -19.16 44.18
N THR F 221 18.81 -19.06 43.21
CA THR F 221 18.80 -19.94 42.05
C THR F 221 19.06 -19.09 40.82
N HIS F 222 20.01 -19.53 39.99
CA HIS F 222 20.32 -18.76 38.79
C HIS F 222 20.98 -19.70 37.78
N GLN F 223 20.75 -19.42 36.50
CA GLN F 223 21.27 -20.26 35.42
C GLN F 223 22.79 -20.44 35.51
N GLY F 224 23.52 -19.44 36.00
CA GLY F 224 24.95 -19.63 36.06
C GLY F 224 25.45 -20.51 37.19
N LEU F 225 24.54 -21.00 38.04
CA LEU F 225 24.90 -21.83 39.18
C LEU F 225 24.41 -23.25 38.93
N SER F 226 25.31 -24.22 39.12
CA SER F 226 24.93 -25.61 38.90
C SER F 226 23.81 -26.04 39.86
N SER F 227 23.80 -25.52 41.08
CA SER F 227 22.75 -25.80 42.05
C SER F 227 22.60 -24.57 42.94
N PRO F 228 21.45 -24.43 43.63
CA PRO F 228 21.23 -23.20 44.41
C PRO F 228 22.34 -22.93 45.42
N VAL F 229 22.67 -21.65 45.56
CA VAL F 229 23.64 -21.17 46.55
C VAL F 229 22.88 -20.62 47.75
N THR F 230 23.33 -20.97 48.94
CA THR F 230 22.73 -20.48 50.18
C THR F 230 23.80 -19.78 51.00
N LYS F 231 23.54 -18.52 51.36
CA LYS F 231 24.33 -17.82 52.36
C LYS F 231 23.47 -17.62 53.59
N SER F 232 24.06 -17.85 54.76
CA SER F 232 23.26 -17.77 55.97
C SER F 232 24.15 -17.33 57.12
N PHE F 233 23.50 -16.90 58.21
CA PHE F 233 24.21 -16.59 59.44
C PHE F 233 23.31 -16.97 60.61
N ASN F 234 23.93 -17.06 61.79
CA ASN F 234 23.20 -17.29 63.03
C ASN F 234 23.16 -15.99 63.81
N ARG F 235 21.96 -15.58 64.20
CA ARG F 235 21.81 -14.36 64.98
C ARG F 235 22.65 -14.47 66.25
N GLY F 236 23.43 -13.43 66.52
CA GLY F 236 24.27 -13.39 67.70
C GLY F 236 25.67 -13.96 67.50
N GLU F 237 25.98 -14.52 66.34
CA GLU F 237 27.31 -15.07 66.08
C GLU F 237 28.06 -14.23 65.07
C16 V4J G . -33.58 -5.46 17.98
C3 V4J G . -34.19 -2.78 13.44
C20 V4J G . -33.87 -2.35 21.77
C21 V4J G . -32.02 -3.56 22.51
C22 V4J G . -32.50 -5.81 12.66
C23 V4J G . -33.76 -3.73 20.95
S1 V4J G . -32.90 -2.04 19.42
C15 V4J G . -33.72 -5.17 13.27
C14 V4J G . -33.78 -2.63 11.98
O14 V4J G . -33.58 -8.26 14.39
C13 V4J G . -32.69 -8.07 15.49
C12 V4J G . -33.14 -9.26 13.45
C11 V4J G . -32.44 -6.63 16.08
C10 V4J G . -33.57 -8.81 12.05
C9 V4J G . -32.76 -6.67 17.60
C7 V4J G . -32.97 -6.62 11.40
C1 V4J G . -33.32 -3.85 13.99
C17 V4J G . -32.65 -4.39 18.53
C18 V4J G . -33.55 -3.25 19.32
C19 V4J G . -33.68 -1.29 20.81
N4 V4J G . -32.83 -2.31 22.68
N5 V4J G . -32.68 -4.40 21.39
O15 V4J G . -32.13 -9.01 15.95
O22 V4J G . -31.04 -3.84 23.14
O5 V4J G . -33.59 -3.92 15.37
O8 V4J G . -32.57 -7.98 11.51
C16 V4J H . 22.61 25.77 -16.97
C3 V4J H . 22.33 28.80 -12.98
C20 V4J H . 21.67 27.56 -21.54
C21 V4J H . 20.30 25.70 -21.19
C22 V4J H . 23.01 25.30 -12.45
C23 V4J H . 22.54 26.34 -20.95
S1 V4J H . 22.02 27.76 -19.04
C15 V4J H . 23.60 26.65 -12.88
C14 V4J H . 22.02 28.51 -11.53
O14 V4J H . 25.51 24.05 -14.35
C13 V4J H . 25.21 23.28 -15.53
C12 V4J H . 25.81 23.24 -13.19
C11 V4J H . 23.99 23.69 -16.43
C10 V4J H . 25.73 24.11 -11.92
C9 V4J H . 23.76 25.23 -16.16
C7 V4J H . 23.65 24.92 -11.06
C1 V4J H . 22.60 27.51 -13.71
C17 V4J H . 22.90 25.47 -18.44
C18 V4J H . 22.97 26.84 -19.37
C19 V4J H . 21.76 28.60 -20.56
N4 V4J H . 20.37 27.13 -21.66
N5 V4J H . 21.73 25.28 -20.78
O15 V4J H . 25.89 22.35 -15.83
O22 V4J H . 19.32 25.01 -21.15
O5 V4J H . 23.22 27.90 -14.90
O8 V4J H . 24.56 23.82 -11.20
#